data_6WWD
#
_entry.id   6WWD
#
_cell.length_a   50.690
_cell.length_b   104.040
_cell.length_c   146.500
_cell.angle_alpha   90.000
_cell.angle_beta   90.000
_cell.angle_gamma   90.000
#
_symmetry.space_group_name_H-M   'P 21 21 21'
#
loop_
_entity.id
_entity.type
_entity.pdbx_description
1 polymer 'dITP/XTP pyrophosphatase'
2 water water
#
_entity_poly.entity_id   1
_entity_poly.type   'polypeptide(L)'
_entity_poly.pdbx_seq_one_letter_code
;MKILVASRNPKKLAELSRVLESSGVSGVELVSLTDVPEYEEVPETGASFEDNALIKAREGVKHTGLACVADDSGLAVDAL
NWMPGVLSARWSGRHGDDAANTALLLAQLSDIPDERRGAAFVSACALVTPEGEEVVVEGRWKGSIARIPAGQNGFGYDPI
FVPRGGLRTAAELTPEEKDAVSHRGRALAALLPMLRNLVNLGRTAPGHHHHHH
;
_entity_poly.pdbx_strand_id   A,B,C,D
#
# COMPACT_ATOMS: atom_id res chain seq x y z
N MET A 1 -10.90 -15.45 -34.67
CA MET A 1 -11.31 -14.72 -33.47
C MET A 1 -10.82 -13.26 -33.47
N LYS A 2 -11.70 -12.36 -33.04
CA LYS A 2 -11.36 -10.95 -32.91
C LYS A 2 -10.89 -10.63 -31.50
N ILE A 3 -9.83 -9.84 -31.41
CA ILE A 3 -9.33 -9.32 -30.13
C ILE A 3 -9.28 -7.81 -30.25
N LEU A 4 -9.93 -7.11 -29.32
CA LEU A 4 -9.93 -5.65 -29.29
C LEU A 4 -8.69 -5.12 -28.58
N VAL A 5 -7.94 -4.25 -29.25
CA VAL A 5 -6.85 -3.51 -28.64
C VAL A 5 -7.42 -2.16 -28.19
N ALA A 6 -7.47 -1.96 -26.87
CA ALA A 6 -8.12 -0.78 -26.30
C ALA A 6 -7.22 0.45 -26.48
N SER A 7 -7.00 0.80 -27.74
CA SER A 7 -6.17 1.95 -28.12
C SER A 7 -6.69 2.50 -29.44
N ARG A 8 -6.53 3.81 -29.62
CA ARG A 8 -6.75 4.44 -30.92
C ARG A 8 -5.45 4.68 -31.66
N ASN A 9 -4.33 4.21 -31.10
CA ASN A 9 -3.02 4.38 -31.71
C ASN A 9 -2.77 3.20 -32.64
N PRO A 10 -2.75 3.41 -33.97
CA PRO A 10 -2.52 2.28 -34.90
C PRO A 10 -1.18 1.59 -34.67
N LYS A 11 -0.19 2.27 -34.10
CA LYS A 11 1.09 1.64 -33.80
C LYS A 11 0.95 0.48 -32.83
N LYS A 12 0.00 0.58 -31.88
CA LYS A 12 -0.18 -0.48 -30.91
C LYS A 12 -0.62 -1.80 -31.57
N LEU A 13 -1.55 -1.73 -32.52
CA LEU A 13 -1.99 -2.96 -33.16
C LEU A 13 -0.88 -3.58 -34.00
N ALA A 14 -0.11 -2.76 -34.71
CA ALA A 14 0.96 -3.28 -35.54
C ALA A 14 2.00 -4.01 -34.70
N GLU A 15 2.39 -3.44 -33.56
CA GLU A 15 3.35 -4.11 -32.70
C GLU A 15 2.79 -5.43 -32.17
N LEU A 16 1.51 -5.42 -31.75
CA LEU A 16 0.88 -6.65 -31.26
C LEU A 16 0.63 -7.64 -32.39
N SER A 17 0.26 -7.14 -33.58
CA SER A 17 0.04 -8.02 -34.73
C SER A 17 1.32 -8.76 -35.10
N ARG A 18 2.46 -8.06 -35.06
CA ARG A 18 3.73 -8.69 -35.39
C ARG A 18 4.08 -9.76 -34.38
N VAL A 19 3.54 -9.67 -33.16
CA VAL A 19 3.79 -10.68 -32.14
C VAL A 19 2.91 -11.92 -32.36
N LEU A 20 1.74 -11.76 -32.96
CA LEU A 20 0.92 -12.92 -33.27
C LEU A 20 1.50 -13.74 -34.42
N GLU A 21 2.36 -13.12 -35.24
CA GLU A 21 3.09 -13.84 -36.28
C GLU A 21 4.32 -14.53 -35.71
N SER A 22 4.97 -13.93 -34.71
CA SER A 22 6.13 -14.54 -34.09
C SER A 22 5.73 -15.64 -33.11
N SER A 23 4.50 -15.60 -32.60
CA SER A 23 3.97 -16.76 -31.89
C SER A 23 3.57 -17.86 -32.87
N GLY A 24 3.08 -17.46 -34.04
CA GLY A 24 2.46 -18.39 -34.96
C GLY A 24 0.98 -18.60 -34.74
N VAL A 25 0.32 -17.68 -34.04
CA VAL A 25 -1.11 -17.81 -33.76
C VAL A 25 -1.89 -17.50 -35.03
N SER A 26 -2.68 -18.47 -35.48
CA SER A 26 -3.45 -18.31 -36.71
C SER A 26 -4.84 -17.76 -36.42
N GLY A 27 -5.52 -17.33 -37.48
CA GLY A 27 -6.92 -16.96 -37.46
C GLY A 27 -7.34 -15.97 -36.39
N VAL A 28 -6.48 -15.00 -36.09
CA VAL A 28 -6.76 -13.97 -35.09
C VAL A 28 -6.73 -12.62 -35.76
N GLU A 29 -7.82 -11.88 -35.66
CA GLU A 29 -7.97 -10.56 -36.26
C GLU A 29 -7.98 -9.52 -35.15
N LEU A 30 -7.06 -8.55 -35.22
CA LEU A 30 -7.00 -7.48 -34.25
C LEU A 30 -7.90 -6.32 -34.66
N VAL A 31 -8.62 -5.79 -33.69
CA VAL A 31 -9.52 -4.66 -33.89
C VAL A 31 -9.12 -3.54 -32.94
N SER A 32 -9.23 -2.30 -33.40
CA SER A 32 -8.90 -1.15 -32.56
C SER A 32 -10.18 -0.42 -32.15
N LEU A 33 -10.03 0.55 -31.24
CA LEU A 33 -11.19 1.35 -30.84
C LEU A 33 -11.75 2.14 -31.99
N THR A 34 -10.95 2.43 -33.01
CA THR A 34 -11.47 3.16 -34.15
C THR A 34 -12.39 2.30 -35.00
N ASP A 35 -12.38 0.98 -34.81
CA ASP A 35 -13.27 0.09 -35.54
C ASP A 35 -14.56 -0.21 -34.80
N VAL A 36 -14.70 0.23 -33.55
CA VAL A 36 -15.92 -0.03 -32.78
C VAL A 36 -16.53 1.30 -32.37
N PRO A 37 -17.84 1.37 -32.11
CA PRO A 37 -18.44 2.65 -31.70
C PRO A 37 -17.73 3.23 -30.48
N GLU A 38 -17.61 4.55 -30.49
CA GLU A 38 -16.98 5.25 -29.38
C GLU A 38 -17.80 5.05 -28.11
N TYR A 39 -17.09 4.94 -26.99
CA TYR A 39 -17.72 4.93 -25.68
C TYR A 39 -16.86 5.77 -24.76
N GLU A 40 -17.46 6.20 -23.64
CA GLU A 40 -16.80 7.11 -22.71
C GLU A 40 -15.61 6.45 -22.01
N GLU A 41 -14.46 7.14 -22.01
CA GLU A 41 -13.26 6.68 -21.32
C GLU A 41 -13.15 7.41 -19.97
N VAL A 42 -13.29 6.65 -18.89
CA VAL A 42 -13.29 7.18 -17.50
C VAL A 42 -11.89 7.67 -17.14
N PRO A 43 -11.75 8.85 -16.53
CA PRO A 43 -10.40 9.33 -16.16
C PRO A 43 -9.74 8.46 -15.11
N GLU A 44 -8.41 8.46 -15.12
CA GLU A 44 -7.62 7.55 -14.31
C GLU A 44 -7.02 8.24 -13.09
N THR A 45 -7.03 7.53 -11.95
CA THR A 45 -6.50 8.07 -10.70
C THR A 45 -5.64 7.03 -10.01
N GLY A 46 -4.77 7.52 -9.12
CA GLY A 46 -3.98 6.67 -8.26
C GLY A 46 -2.65 6.27 -8.86
N ALA A 47 -2.04 5.28 -8.20
CA ALA A 47 -0.73 4.79 -8.61
C ALA A 47 -0.74 3.43 -9.29
N SER A 48 -1.87 2.71 -9.34
CA SER A 48 -1.83 1.34 -9.86
C SER A 48 -2.05 1.33 -11.36
N PHE A 49 -0.95 1.20 -12.12
CA PHE A 49 -1.05 0.98 -13.56
C PHE A 49 -1.77 -0.31 -13.88
N GLU A 50 -1.56 -1.35 -13.05
CA GLU A 50 -2.23 -2.63 -13.25
C GLU A 50 -3.75 -2.49 -13.12
N ASP A 51 -4.23 -1.84 -12.05
CA ASP A 51 -5.66 -1.70 -11.89
C ASP A 51 -6.27 -0.94 -13.05
N ASN A 52 -5.60 0.12 -13.49
CA ASN A 52 -6.15 0.98 -14.51
C ASN A 52 -6.14 0.30 -15.88
N ALA A 53 -5.12 -0.51 -16.16
CA ALA A 53 -5.15 -1.32 -17.37
C ALA A 53 -6.31 -2.32 -17.36
N LEU A 54 -6.59 -2.93 -16.19
CA LEU A 54 -7.72 -3.86 -16.08
C LEU A 54 -9.06 -3.15 -16.28
N ILE A 55 -9.22 -1.96 -15.69
CA ILE A 55 -10.44 -1.18 -15.89
C ILE A 55 -10.69 -0.95 -17.38
N LYS A 56 -9.64 -0.58 -18.11
CA LYS A 56 -9.79 -0.30 -19.53
C LYS A 56 -10.11 -1.56 -20.33
N ALA A 57 -9.49 -2.69 -19.97
CA ALA A 57 -9.77 -3.92 -20.70
C ALA A 57 -11.17 -4.43 -20.41
N ARG A 58 -11.63 -4.32 -19.16
CA ARG A 58 -13.00 -4.70 -18.83
C ARG A 58 -14.00 -3.91 -19.65
N GLU A 59 -13.76 -2.59 -19.77
CA GLU A 59 -14.65 -1.73 -20.53
C GLU A 59 -14.74 -2.15 -21.99
N GLY A 60 -13.59 -2.51 -22.58
CA GLY A 60 -13.62 -2.98 -23.95
C GLY A 60 -14.50 -4.20 -24.13
N VAL A 61 -14.34 -5.20 -23.26
CA VAL A 61 -15.18 -6.40 -23.35
C VAL A 61 -16.64 -6.04 -23.18
N LYS A 62 -16.95 -5.18 -22.21
CA LYS A 62 -18.33 -4.80 -21.96
C LYS A 62 -19.00 -4.23 -23.20
N HIS A 63 -18.26 -3.45 -23.98
CA HIS A 63 -18.86 -2.73 -25.09
C HIS A 63 -18.81 -3.51 -26.40
N THR A 64 -18.00 -4.57 -26.49
CA THR A 64 -17.83 -5.30 -27.74
C THR A 64 -18.05 -6.79 -27.63
N GLY A 65 -17.99 -7.37 -26.43
CA GLY A 65 -18.01 -8.81 -26.30
C GLY A 65 -16.75 -9.50 -26.75
N LEU A 66 -15.73 -8.75 -27.18
CA LEU A 66 -14.46 -9.33 -27.58
C LEU A 66 -13.49 -9.38 -26.39
N ALA A 67 -12.59 -10.36 -26.42
CA ALA A 67 -11.42 -10.29 -25.57
C ALA A 67 -10.71 -8.97 -25.82
N CYS A 68 -10.18 -8.35 -24.76
CA CYS A 68 -9.64 -7.00 -24.87
C CYS A 68 -8.31 -6.91 -24.15
N VAL A 69 -7.32 -6.34 -24.84
CA VAL A 69 -6.02 -6.02 -24.26
CA VAL A 69 -6.03 -6.02 -24.24
C VAL A 69 -5.94 -4.51 -24.10
N ALA A 70 -5.40 -4.05 -22.97
CA ALA A 70 -5.26 -2.64 -22.69
C ALA A 70 -3.94 -2.44 -21.96
N ASP A 71 -3.36 -1.24 -22.08
CA ASP A 71 -2.11 -0.96 -21.40
C ASP A 71 -2.19 0.34 -20.63
N ASP A 72 -1.21 0.52 -19.75
CA ASP A 72 -1.14 1.69 -18.87
C ASP A 72 0.28 1.80 -18.37
N SER A 73 0.94 2.95 -18.60
CA SER A 73 2.34 3.12 -18.30
CA SER A 73 2.33 3.11 -18.25
C SER A 73 2.58 4.49 -17.69
N GLY A 74 3.72 4.63 -17.00
CA GLY A 74 4.08 5.92 -16.43
C GLY A 74 5.27 5.80 -15.48
N LEU A 75 5.39 6.81 -14.61
CA LEU A 75 6.51 6.93 -13.69
C LEU A 75 6.02 6.78 -12.25
N ALA A 76 6.74 6.01 -11.45
CA ALA A 76 6.44 5.80 -10.04
C ALA A 76 7.66 6.23 -9.23
N VAL A 77 7.48 7.20 -8.32
CA VAL A 77 8.57 7.78 -7.56
C VAL A 77 8.35 7.42 -6.09
N ASP A 78 9.33 6.74 -5.48
CA ASP A 78 9.18 6.31 -4.08
C ASP A 78 8.73 7.46 -3.16
N ALA A 79 9.42 8.60 -3.24
CA ALA A 79 9.16 9.73 -2.34
C ALA A 79 7.79 10.37 -2.52
N LEU A 80 7.09 10.09 -3.64
CA LEU A 80 5.72 10.58 -3.84
C LEU A 80 4.70 9.46 -3.67
N ASN A 81 5.03 8.46 -2.86
CA ASN A 81 4.17 7.29 -2.67
C ASN A 81 3.78 6.65 -4.00
N TRP A 82 4.75 6.57 -4.91
CA TRP A 82 4.66 5.92 -6.21
C TRP A 82 3.79 6.67 -7.20
N MET A 83 3.37 7.90 -6.86
CA MET A 83 2.97 8.85 -7.87
C MET A 83 4.23 9.34 -8.60
N PRO A 84 4.10 10.05 -9.74
CA PRO A 84 2.92 10.55 -10.51
C PRO A 84 1.91 9.46 -10.90
N GLY A 85 2.34 8.19 -11.00
CA GLY A 85 1.36 7.12 -11.24
C GLY A 85 0.61 7.30 -12.55
N VAL A 86 -0.70 7.03 -12.52
CA VAL A 86 -1.46 7.13 -13.76
C VAL A 86 -1.76 8.58 -14.11
N LEU A 87 -1.33 9.53 -13.28
CA LEU A 87 -1.35 10.94 -13.61
C LEU A 87 -0.04 11.42 -14.21
N SER A 88 0.85 10.51 -14.63
CA SER A 88 2.19 10.89 -15.08
C SER A 88 2.15 11.94 -16.19
N ALA A 89 1.30 11.75 -17.20
CA ALA A 89 1.30 12.65 -18.35
C ALA A 89 0.66 14.00 -18.06
N ARG A 90 -0.03 14.15 -16.92
CA ARG A 90 -0.67 15.40 -16.54
CA ARG A 90 -0.67 15.41 -16.55
C ARG A 90 -0.26 15.83 -15.14
N TRP A 91 0.94 15.45 -14.71
CA TRP A 91 1.35 15.68 -13.34
C TRP A 91 1.27 17.16 -12.95
N SER A 92 1.59 18.06 -13.87
CA SER A 92 1.51 19.50 -13.64
C SER A 92 0.10 20.06 -13.73
N GLY A 93 -0.89 19.23 -14.03
CA GLY A 93 -2.24 19.72 -14.25
C GLY A 93 -2.59 19.88 -15.71
N ARG A 94 -1.60 19.77 -16.59
CA ARG A 94 -1.77 20.01 -18.01
C ARG A 94 -1.25 18.79 -18.77
N HIS A 95 -2.15 18.10 -19.45
CA HIS A 95 -1.77 16.92 -20.20
C HIS A 95 -0.76 17.23 -21.29
N GLY A 96 0.32 16.45 -21.33
CA GLY A 96 1.26 16.54 -22.43
C GLY A 96 2.31 17.63 -22.32
N ASP A 97 2.35 18.39 -21.22
CA ASP A 97 3.34 19.44 -21.05
C ASP A 97 4.53 18.82 -20.32
N ASP A 98 5.40 18.17 -21.10
CA ASP A 98 6.53 17.46 -20.51
C ASP A 98 7.43 18.40 -19.72
N ALA A 99 7.72 19.59 -20.26
CA ALA A 99 8.61 20.49 -19.55
C ALA A 99 8.04 20.87 -18.18
N ALA A 100 6.72 21.11 -18.13
CA ALA A 100 6.10 21.47 -16.87
C ALA A 100 6.03 20.28 -15.92
N ASN A 101 5.69 19.09 -16.43
CA ASN A 101 5.66 17.90 -15.59
C ASN A 101 7.02 17.62 -14.98
N THR A 102 8.07 17.68 -15.82
CA THR A 102 9.42 17.38 -15.31
CA THR A 102 9.42 17.40 -15.33
C THR A 102 9.88 18.42 -14.31
N ALA A 103 9.64 19.72 -14.58
CA ALA A 103 10.13 20.75 -13.67
C ALA A 103 9.43 20.67 -12.31
N LEU A 104 8.12 20.40 -12.32
CA LEU A 104 7.40 20.24 -11.07
C LEU A 104 7.99 19.10 -10.26
N LEU A 105 8.22 17.95 -10.89
CA LEU A 105 8.78 16.80 -10.19
C LEU A 105 10.12 17.16 -9.56
N LEU A 106 11.01 17.79 -10.35
CA LEU A 106 12.28 18.23 -9.79
C LEU A 106 12.05 19.15 -8.61
N ALA A 107 11.13 20.12 -8.76
CA ALA A 107 10.89 21.08 -7.69
C ALA A 107 10.35 20.38 -6.45
N GLN A 108 9.43 19.43 -6.64
CA GLN A 108 8.90 18.70 -5.51
C GLN A 108 10.00 17.94 -4.78
N LEU A 109 11.00 17.44 -5.52
CA LEU A 109 12.02 16.59 -4.95
C LEU A 109 13.29 17.33 -4.57
N SER A 110 13.29 18.66 -4.62
CA SER A 110 14.54 19.33 -4.36
C SER A 110 14.95 19.05 -2.91
N ASP A 111 16.24 19.01 -2.68
CA ASP A 111 16.82 18.73 -1.38
C ASP A 111 16.59 17.28 -0.92
N ILE A 112 16.01 16.40 -1.72
CA ILE A 112 15.85 14.99 -1.33
C ILE A 112 17.13 14.29 -1.69
N PRO A 113 17.83 13.65 -0.74
CA PRO A 113 19.11 13.01 -1.02
C PRO A 113 18.98 11.80 -1.94
N ASP A 114 20.10 11.51 -2.62
CA ASP A 114 20.14 10.50 -3.68
C ASP A 114 19.56 9.17 -3.21
N GLU A 115 19.83 8.78 -1.98
CA GLU A 115 19.37 7.50 -1.45
C GLU A 115 17.85 7.37 -1.46
N ARG A 116 17.12 8.49 -1.48
CA ARG A 116 15.67 8.45 -1.40
C ARG A 116 15.00 8.91 -2.69
N ARG A 117 15.75 9.09 -3.77
CA ARG A 117 15.19 9.51 -5.03
C ARG A 117 14.82 8.33 -5.93
N GLY A 118 14.64 7.14 -5.35
CA GLY A 118 14.34 5.97 -6.17
C GLY A 118 13.06 6.14 -6.96
N ALA A 119 13.01 5.50 -8.12
CA ALA A 119 11.86 5.60 -9.00
C ALA A 119 11.89 4.45 -9.98
N ALA A 120 10.82 4.32 -10.74
CA ALA A 120 10.75 3.29 -11.77
C ALA A 120 9.84 3.72 -12.91
N PHE A 121 10.24 3.41 -14.13
CA PHE A 121 9.31 3.40 -15.25
C PHE A 121 8.51 2.10 -15.20
N VAL A 122 7.20 2.22 -15.31
CA VAL A 122 6.30 1.07 -15.18
C VAL A 122 5.45 0.99 -16.45
N SER A 123 5.26 -0.23 -16.93
CA SER A 123 4.43 -0.47 -18.11
C SER A 123 3.58 -1.69 -17.79
N ALA A 124 2.26 -1.50 -17.69
CA ALA A 124 1.34 -2.59 -17.37
C ALA A 124 0.42 -2.87 -18.55
N CYS A 125 -0.03 -4.12 -18.66
CA CYS A 125 -0.87 -4.60 -19.75
CA CYS A 125 -0.88 -4.59 -19.75
C CYS A 125 -1.89 -5.59 -19.19
N ALA A 126 -3.15 -5.45 -19.59
CA ALA A 126 -4.20 -6.33 -19.09
C ALA A 126 -4.92 -7.03 -20.23
N LEU A 127 -5.37 -8.25 -19.95
CA LEU A 127 -6.22 -9.03 -20.82
C LEU A 127 -7.51 -9.40 -20.06
N VAL A 128 -8.66 -9.18 -20.68
CA VAL A 128 -9.94 -9.67 -20.16
C VAL A 128 -10.66 -10.40 -21.27
N THR A 129 -11.09 -11.62 -21.01
CA THR A 129 -11.74 -12.43 -22.03
C THR A 129 -13.24 -12.23 -22.01
N PRO A 130 -13.95 -12.62 -23.08
CA PRO A 130 -15.42 -12.53 -23.05
C PRO A 130 -16.05 -13.25 -21.88
N GLU A 131 -15.42 -14.34 -21.41
CA GLU A 131 -15.94 -15.07 -20.27
C GLU A 131 -15.60 -14.40 -18.94
N GLY A 132 -14.80 -13.34 -18.94
CA GLY A 132 -14.49 -12.63 -17.70
C GLY A 132 -13.22 -13.05 -17.01
N GLU A 133 -12.39 -13.86 -17.64
CA GLU A 133 -11.07 -14.15 -17.10
C GLU A 133 -10.20 -12.90 -17.17
N GLU A 134 -9.40 -12.68 -16.13
CA GLU A 134 -8.59 -11.46 -16.04
C GLU A 134 -7.14 -11.81 -15.71
N VAL A 135 -6.22 -11.33 -16.55
CA VAL A 135 -4.79 -11.43 -16.32
C VAL A 135 -4.19 -10.05 -16.55
N VAL A 136 -3.32 -9.62 -15.66
CA VAL A 136 -2.61 -8.37 -15.85
C VAL A 136 -1.13 -8.62 -15.58
N VAL A 137 -0.28 -8.03 -16.41
CA VAL A 137 1.16 -8.05 -16.22
C VAL A 137 1.67 -6.62 -16.12
N GLU A 138 2.81 -6.46 -15.44
CA GLU A 138 3.52 -5.19 -15.46
C GLU A 138 5.01 -5.46 -15.48
N GLY A 139 5.76 -4.53 -16.06
CA GLY A 139 7.21 -4.51 -15.95
C GLY A 139 7.63 -3.19 -15.33
N ARG A 140 8.70 -3.24 -14.51
CA ARG A 140 9.25 -2.06 -13.84
C ARG A 140 10.74 -1.99 -14.15
N TRP A 141 11.18 -0.85 -14.68
CA TRP A 141 12.59 -0.58 -14.94
C TRP A 141 13.09 0.34 -13.81
N LYS A 142 13.93 -0.19 -12.93
CA LYS A 142 14.27 0.52 -11.71
C LYS A 142 15.32 1.61 -11.93
N GLY A 143 15.16 2.71 -11.22
CA GLY A 143 16.13 3.80 -11.31
C GLY A 143 15.94 4.86 -10.25
N SER A 144 16.22 6.10 -10.59
CA SER A 144 16.05 7.20 -9.65
C SER A 144 15.86 8.47 -10.44
N ILE A 145 15.48 9.54 -9.75
CA ILE A 145 15.22 10.81 -10.40
C ILE A 145 16.49 11.67 -10.33
N ALA A 146 16.92 12.17 -11.49
CA ALA A 146 18.03 13.09 -11.57
C ALA A 146 17.67 14.41 -10.91
N ARG A 147 18.70 15.24 -10.68
CA ARG A 147 18.51 16.57 -10.12
C ARG A 147 18.40 17.63 -11.21
N ILE A 148 18.99 17.37 -12.37
CA ILE A 148 18.87 18.25 -13.53
C ILE A 148 18.65 17.40 -14.76
N PRO A 149 17.87 17.90 -15.71
CA PRO A 149 17.62 17.14 -16.94
C PRO A 149 18.89 17.02 -17.76
N ALA A 150 19.02 15.89 -18.46
CA ALA A 150 20.10 15.68 -19.42
C ALA A 150 19.61 14.75 -20.52
N GLY A 151 20.13 14.99 -21.73
CA GLY A 151 19.85 14.15 -22.87
C GLY A 151 18.64 14.62 -23.66
N GLN A 152 18.64 14.29 -24.95
CA GLN A 152 17.56 14.66 -25.85
C GLN A 152 17.00 13.47 -26.63
N ASN A 153 17.45 12.25 -26.34
CA ASN A 153 16.92 11.05 -27.01
C ASN A 153 15.86 10.39 -26.15
N GLY A 154 14.83 11.16 -25.85
CA GLY A 154 13.71 10.66 -25.08
C GLY A 154 12.67 11.76 -24.93
N PHE A 155 11.46 11.33 -24.62
CA PHE A 155 10.36 12.25 -24.34
C PHE A 155 9.93 12.14 -22.88
N GLY A 156 9.01 13.00 -22.49
CA GLY A 156 8.40 12.84 -21.17
C GLY A 156 9.44 12.91 -20.08
N TYR A 157 9.41 11.94 -19.15
CA TYR A 157 10.37 12.02 -18.06
C TYR A 157 11.74 11.45 -18.41
N ASP A 158 11.99 11.01 -19.64
CA ASP A 158 13.29 10.44 -19.96
C ASP A 158 14.47 11.31 -19.53
N PRO A 159 14.44 12.65 -19.70
CA PRO A 159 15.61 13.45 -19.32
C PRO A 159 15.95 13.47 -17.83
N ILE A 160 15.07 13.02 -16.94
CA ILE A 160 15.36 13.03 -15.51
C ILE A 160 15.26 11.64 -14.88
N PHE A 161 15.12 10.59 -15.68
CA PHE A 161 15.09 9.23 -15.14
C PHE A 161 16.46 8.59 -15.32
N VAL A 162 17.11 8.25 -14.20
CA VAL A 162 18.43 7.62 -14.23
C VAL A 162 18.23 6.13 -13.98
N PRO A 163 18.33 5.27 -14.99
CA PRO A 163 18.25 3.83 -14.75
C PRO A 163 19.34 3.35 -13.81
N ARG A 164 18.94 2.48 -12.89
CA ARG A 164 19.88 1.80 -12.01
CA ARG A 164 19.86 1.77 -12.01
C ARG A 164 21.00 1.18 -12.82
N GLY A 165 22.21 1.23 -12.26
CA GLY A 165 23.35 0.68 -12.96
C GLY A 165 24.15 1.66 -13.80
N GLY A 166 23.79 2.94 -13.81
CA GLY A 166 24.60 3.91 -14.52
C GLY A 166 24.24 5.28 -14.00
N LEU A 167 24.94 6.29 -14.52
CA LEU A 167 24.67 7.65 -14.10
C LEU A 167 23.92 8.45 -15.14
N ARG A 168 23.86 7.97 -16.39
CA ARG A 168 23.18 8.66 -17.47
C ARG A 168 21.68 8.47 -17.36
N THR A 169 20.95 9.48 -17.82
CA THR A 169 19.49 9.42 -17.87
C THR A 169 19.06 8.59 -19.09
N ALA A 170 17.79 8.16 -19.07
CA ALA A 170 17.25 7.40 -20.20
C ALA A 170 17.39 8.19 -21.51
N ALA A 171 17.20 9.51 -21.45
CA ALA A 171 17.36 10.32 -22.66
C ALA A 171 18.80 10.38 -23.15
N GLU A 172 19.77 10.01 -22.32
CA GLU A 172 21.16 9.97 -22.75
C GLU A 172 21.56 8.62 -23.36
N LEU A 173 20.69 7.62 -23.27
CA LEU A 173 20.95 6.30 -23.82
C LEU A 173 20.81 6.29 -25.34
N THR A 174 21.65 5.47 -25.99
CA THR A 174 21.56 5.28 -27.42
C THR A 174 20.36 4.41 -27.77
N PRO A 175 19.94 4.41 -29.04
CA PRO A 175 18.85 3.50 -29.44
C PRO A 175 19.24 2.04 -29.31
N GLU A 176 20.49 1.70 -29.62
CA GLU A 176 20.96 0.33 -29.38
C GLU A 176 20.76 -0.04 -27.92
N GLU A 177 21.01 0.89 -27.00
CA GLU A 177 20.85 0.59 -25.57
C GLU A 177 19.37 0.53 -25.18
N LYS A 178 18.56 1.46 -25.67
CA LYS A 178 17.15 1.44 -25.31
C LYS A 178 16.43 0.23 -25.90
N ASP A 179 16.95 -0.35 -26.98
CA ASP A 179 16.36 -1.58 -27.52
C ASP A 179 16.54 -2.76 -26.57
N ALA A 180 17.72 -2.84 -25.92
CA ALA A 180 18.05 -3.99 -25.09
C ALA A 180 17.26 -4.05 -23.79
N VAL A 181 16.67 -2.93 -23.35
CA VAL A 181 15.91 -2.92 -22.10
C VAL A 181 14.48 -3.43 -22.33
N SER A 182 13.88 -3.12 -23.48
CA SER A 182 12.59 -3.71 -23.82
C SER A 182 12.72 -5.20 -24.15
N HIS A 183 13.85 -5.62 -24.73
CA HIS A 183 14.05 -7.03 -25.04
C HIS A 183 14.13 -7.87 -23.77
N ARG A 184 14.86 -7.38 -22.76
CA ARG A 184 14.95 -8.09 -21.49
C ARG A 184 13.64 -8.03 -20.71
N GLY A 185 12.91 -6.91 -20.80
CA GLY A 185 11.60 -6.85 -20.16
C GLY A 185 10.61 -7.83 -20.75
N ARG A 186 10.56 -7.90 -22.09
CA ARG A 186 9.66 -8.84 -22.76
C ARG A 186 10.11 -10.29 -22.58
N ALA A 187 11.42 -10.53 -22.44
CA ALA A 187 11.93 -11.88 -22.18
C ALA A 187 11.57 -12.33 -20.77
N LEU A 188 11.62 -11.42 -19.80
CA LEU A 188 11.19 -11.75 -18.44
C LEU A 188 9.68 -12.03 -18.41
N ALA A 189 8.90 -11.24 -19.15
CA ALA A 189 7.46 -11.43 -19.17
C ALA A 189 7.10 -12.80 -19.73
N ALA A 190 7.90 -13.32 -20.66
CA ALA A 190 7.64 -14.62 -21.24
C ALA A 190 8.10 -15.74 -20.32
N LEU A 191 9.00 -15.44 -19.39
CA LEU A 191 9.54 -16.41 -18.43
C LEU A 191 8.61 -16.65 -17.24
N LEU A 192 7.70 -15.69 -16.91
CA LEU A 192 6.81 -15.76 -15.75
C LEU A 192 6.15 -17.13 -15.60
N PRO A 193 6.46 -17.85 -14.52
CA PRO A 193 5.89 -19.20 -14.34
C PRO A 193 4.36 -19.30 -14.35
N MET A 194 3.64 -18.31 -13.80
CA MET A 194 2.19 -18.43 -13.75
C MET A 194 1.56 -18.36 -15.14
N LEU A 195 2.25 -17.71 -16.09
CA LEU A 195 1.77 -17.66 -17.47
C LEU A 195 1.47 -19.04 -18.02
N ARG A 196 2.10 -20.09 -17.47
CA ARG A 196 1.79 -21.48 -17.79
C ARG A 196 0.27 -21.74 -17.83
N MET B 1 -27.71 14.44 26.07
CA MET B 1 -27.44 13.96 24.72
C MET B 1 -27.03 12.48 24.75
N LYS B 2 -27.57 11.69 23.82
CA LYS B 2 -27.21 10.28 23.72
C LYS B 2 -26.08 10.10 22.72
N ILE B 3 -25.07 9.31 23.11
CA ILE B 3 -23.99 8.94 22.21
C ILE B 3 -23.93 7.42 22.18
N LEU B 4 -24.01 6.85 21.00
CA LEU B 4 -23.97 5.41 20.84
C LEU B 4 -22.52 4.91 20.86
N VAL B 5 -22.23 3.97 21.74
CA VAL B 5 -20.98 3.24 21.72
C VAL B 5 -21.22 1.94 20.95
N ALA B 6 -20.55 1.79 19.81
CA ALA B 6 -20.80 0.65 18.92
C ALA B 6 -20.14 -0.63 19.48
N SER B 7 -20.63 -1.05 20.64
CA SER B 7 -20.08 -2.24 21.28
C SER B 7 -21.17 -2.93 22.09
N ARG B 8 -21.06 -4.25 22.19
CA ARG B 8 -21.91 -5.04 23.08
C ARG B 8 -21.18 -5.43 24.35
N ASN B 9 -19.97 -4.90 24.56
CA ASN B 9 -19.16 -5.22 25.74
C ASN B 9 -19.55 -4.27 26.86
N PRO B 10 -20.26 -4.74 27.90
CA PRO B 10 -20.67 -3.82 28.97
C PRO B 10 -19.52 -3.23 29.76
N LYS B 11 -18.40 -3.94 29.86
CA LYS B 11 -17.23 -3.38 30.54
C LYS B 11 -16.69 -2.16 29.79
N LYS B 12 -16.75 -2.18 28.46
CA LYS B 12 -16.29 -1.05 27.67
C LYS B 12 -17.16 0.19 27.90
N LEU B 13 -18.49 0.00 27.94
CA LEU B 13 -19.38 1.13 28.18
C LEU B 13 -19.15 1.70 29.57
N ALA B 14 -18.96 0.83 30.57
CA ALA B 14 -18.73 1.29 31.93
C ALA B 14 -17.43 2.10 32.02
N GLU B 15 -16.36 1.63 31.38
CA GLU B 15 -15.10 2.36 31.41
C GLU B 15 -15.23 3.70 30.69
N LEU B 16 -15.95 3.73 29.57
CA LEU B 16 -16.13 4.99 28.85
C LEU B 16 -16.90 6.00 29.67
N SER B 17 -17.88 5.54 30.45
CA SER B 17 -18.58 6.44 31.36
C SER B 17 -17.62 7.02 32.38
N ARG B 18 -16.68 6.21 32.89
CA ARG B 18 -15.72 6.67 33.89
C ARG B 18 -14.78 7.75 33.35
N VAL B 19 -14.57 7.79 32.04
CA VAL B 19 -13.76 8.84 31.44
C VAL B 19 -14.55 10.14 31.29
N LEU B 20 -15.88 10.07 31.22
CA LEU B 20 -16.69 11.27 31.13
C LEU B 20 -16.62 12.10 32.41
N GLU B 21 -16.10 11.54 33.50
CA GLU B 21 -15.85 12.30 34.72
C GLU B 21 -14.56 13.11 34.60
N SER B 26 -20.75 14.91 31.00
CA SER B 26 -21.30 16.27 30.91
C SER B 26 -22.70 16.26 30.31
N GLY B 27 -23.68 15.79 31.07
CA GLY B 27 -25.05 15.65 30.56
C GLY B 27 -25.17 14.72 29.39
N VAL B 28 -24.22 13.79 29.24
CA VAL B 28 -24.13 12.91 28.08
C VAL B 28 -24.49 11.51 28.55
N GLU B 29 -25.50 10.92 27.92
CA GLU B 29 -25.87 9.53 28.20
C GLU B 29 -25.29 8.65 27.11
N LEU B 30 -24.45 7.70 27.50
CA LEU B 30 -23.89 6.73 26.57
C LEU B 30 -24.84 5.55 26.48
N VAL B 31 -25.10 5.10 25.27
CA VAL B 31 -25.98 3.96 25.01
C VAL B 31 -25.17 2.92 24.24
N SER B 32 -25.46 1.64 24.46
CA SER B 32 -24.72 0.60 23.78
C SER B 32 -25.58 -0.01 22.67
N LEU B 33 -24.96 -0.91 21.89
CA LEU B 33 -25.71 -1.59 20.83
C LEU B 33 -26.80 -2.47 21.41
N THR B 34 -26.63 -2.95 22.64
CA THR B 34 -27.61 -3.83 23.27
C THR B 34 -28.82 -3.06 23.77
N ASP B 35 -28.72 -1.74 23.81
CA ASP B 35 -29.81 -0.84 24.20
C ASP B 35 -30.60 -0.34 23.00
N VAL B 36 -30.14 -0.66 21.80
CA VAL B 36 -30.80 -0.28 20.55
C VAL B 36 -31.09 -1.56 19.80
N PRO B 37 -32.06 -1.54 18.87
CA PRO B 37 -32.37 -2.76 18.12
C PRO B 37 -31.13 -3.40 17.50
N GLU B 38 -31.07 -4.72 17.58
CA GLU B 38 -29.97 -5.47 17.02
C GLU B 38 -29.91 -5.30 15.51
N TYR B 39 -28.69 -5.21 14.99
CA TYR B 39 -28.49 -5.26 13.55
C TYR B 39 -27.24 -6.06 13.25
N GLU B 40 -27.15 -6.55 12.02
CA GLU B 40 -26.06 -7.43 11.63
C GLU B 40 -24.74 -6.66 11.55
N GLU B 41 -23.70 -7.22 12.16
CA GLU B 41 -22.36 -6.64 12.18
C GLU B 41 -21.53 -7.27 11.07
N VAL B 42 -21.13 -6.45 10.10
CA VAL B 42 -20.39 -6.93 8.93
C VAL B 42 -18.99 -7.37 9.34
N PRO B 43 -18.51 -8.53 8.88
CA PRO B 43 -17.17 -9.00 9.27
C PRO B 43 -16.06 -8.11 8.73
N GLU B 44 -14.95 -8.07 9.46
CA GLU B 44 -13.86 -7.14 9.16
C GLU B 44 -12.70 -7.82 8.44
N THR B 45 -12.08 -7.11 7.50
CA THR B 45 -10.96 -7.64 6.73
C THR B 45 -9.86 -6.58 6.60
N GLY B 46 -8.65 -7.04 6.31
CA GLY B 46 -7.56 -6.14 5.99
C GLY B 46 -6.77 -5.67 7.19
N ALA B 47 -5.97 -4.63 6.93
CA ALA B 47 -5.04 -4.12 7.92
C ALA B 47 -5.45 -2.78 8.53
N SER B 48 -6.49 -2.13 8.04
CA SER B 48 -6.80 -0.77 8.44
C SER B 48 -7.76 -0.79 9.64
N PHE B 49 -7.20 -0.63 10.84
CA PHE B 49 -8.02 -0.41 12.02
C PHE B 49 -8.84 0.87 11.88
N GLU B 50 -8.26 1.90 11.25
CA GLU B 50 -9.00 3.15 11.05
C GLU B 50 -10.23 2.93 10.19
N ASP B 51 -10.08 2.29 9.02
CA ASP B 51 -11.24 2.09 8.15
C ASP B 51 -12.33 1.29 8.84
N ASN B 52 -11.93 0.26 9.60
CA ASN B 52 -12.93 -0.60 10.20
C ASN B 52 -13.63 0.08 11.37
N ALA B 53 -12.93 0.90 12.15
CA ALA B 53 -13.65 1.67 13.19
C ALA B 53 -14.67 2.61 12.56
N LEU B 54 -14.31 3.25 11.45
CA LEU B 54 -15.26 4.16 10.77
C LEU B 54 -16.48 3.41 10.25
N ILE B 55 -16.28 2.22 9.66
CA ILE B 55 -17.40 1.42 9.17
C ILE B 55 -18.38 1.15 10.30
N LYS B 56 -17.86 0.72 11.46
CA LYS B 56 -18.73 0.39 12.59
C LYS B 56 -19.44 1.63 13.12
N ALA B 57 -18.74 2.77 13.16
CA ALA B 57 -19.38 3.99 13.65
C ALA B 57 -20.45 4.48 12.69
N ARG B 58 -20.19 4.42 11.38
CA ARG B 58 -21.22 4.79 10.41
C ARG B 58 -22.46 3.92 10.58
N GLU B 59 -22.25 2.61 10.73
CA GLU B 59 -23.37 1.70 10.90
C GLU B 59 -24.20 2.06 12.13
N GLY B 60 -23.53 2.43 13.22
CA GLY B 60 -24.24 2.87 14.40
C GLY B 60 -25.13 4.06 14.13
N VAL B 61 -24.61 5.07 13.44
CA VAL B 61 -25.42 6.24 13.11
C VAL B 61 -26.61 5.83 12.23
N LYS B 62 -26.33 5.03 11.21
CA LYS B 62 -27.35 4.64 10.25
C LYS B 62 -28.54 3.99 10.93
N HIS B 63 -28.30 3.23 11.99
CA HIS B 63 -29.38 2.51 12.65
C HIS B 63 -30.00 3.27 13.81
N THR B 64 -29.37 4.34 14.28
CA THR B 64 -29.89 5.01 15.47
C THR B 64 -30.12 6.50 15.32
N GLY B 65 -29.50 7.17 14.34
CA GLY B 65 -29.53 8.61 14.28
C GLY B 65 -28.69 9.31 15.33
N LEU B 66 -28.02 8.56 16.20
CA LEU B 66 -27.13 9.13 17.21
C LEU B 66 -25.69 9.23 16.72
N ALA B 67 -24.97 10.23 17.24
CA ALA B 67 -23.51 10.22 17.14
C ALA B 67 -22.99 8.91 17.71
N CYS B 68 -21.96 8.36 17.06
CA CYS B 68 -21.53 7.02 17.40
C CYS B 68 -20.02 6.94 17.46
N VAL B 69 -19.47 6.39 18.55
CA VAL B 69 -18.04 6.07 18.63
C VAL B 69 -17.85 4.56 18.48
N ALA B 70 -16.81 4.17 17.76
CA ALA B 70 -16.47 2.77 17.60
C ALA B 70 -14.97 2.61 17.69
N ASP B 71 -14.54 1.44 18.09
CA ASP B 71 -13.12 1.20 18.17
C ASP B 71 -12.76 -0.07 17.42
N ASP B 72 -11.47 -0.21 17.19
CA ASP B 72 -10.93 -1.34 16.45
C ASP B 72 -9.46 -1.39 16.78
N SER B 73 -8.99 -2.54 17.31
CA SER B 73 -7.63 -2.65 17.81
CA SER B 73 -7.63 -2.65 17.80
C SER B 73 -7.03 -3.99 17.41
N GLY B 74 -5.69 -4.05 17.40
CA GLY B 74 -5.01 -5.30 17.13
C GLY B 74 -3.53 -5.10 16.88
N LEU B 75 -2.93 -6.10 16.24
CA LEU B 75 -1.47 -6.18 16.05
C LEU B 75 -1.15 -6.04 14.57
N ALA B 76 -0.16 -5.22 14.25
CA ALA B 76 0.29 -5.01 12.88
C ALA B 76 1.76 -5.38 12.80
N VAL B 77 2.10 -6.36 11.96
CA VAL B 77 3.45 -6.89 11.89
C VAL B 77 4.03 -6.56 10.53
N ASP B 78 5.15 -5.82 10.52
CA ASP B 78 5.78 -5.39 9.27
C ASP B 78 5.95 -6.56 8.30
N ALA B 79 6.48 -7.68 8.78
CA ALA B 79 6.77 -8.83 7.93
C ALA B 79 5.50 -9.48 7.33
N LEU B 80 4.32 -9.22 7.89
CA LEU B 80 3.06 -9.71 7.33
C LEU B 80 2.28 -8.60 6.63
N ASN B 81 2.98 -7.59 6.13
CA ASN B 81 2.34 -6.47 5.47
C ASN B 81 1.27 -5.85 6.36
N TRP B 82 1.57 -5.74 7.66
CA TRP B 82 0.76 -5.11 8.70
C TRP B 82 -0.49 -5.94 9.08
N MET B 83 -0.59 -7.18 8.62
CA MET B 83 -1.44 -8.14 9.29
C MET B 83 -0.74 -8.61 10.58
N PRO B 84 -1.44 -9.33 11.48
CA PRO B 84 -2.82 -9.83 11.51
C PRO B 84 -3.91 -8.77 11.33
N GLY B 85 -3.61 -7.52 11.67
CA GLY B 85 -4.56 -6.45 11.37
C GLY B 85 -5.89 -6.71 12.05
N VAL B 86 -6.98 -6.47 11.32
CA VAL B 86 -8.31 -6.62 11.93
C VAL B 86 -8.72 -8.09 12.05
N LEU B 87 -7.88 -9.02 11.58
CA LEU B 87 -8.01 -10.45 11.86
C LEU B 87 -7.19 -10.89 13.07
N SER B 88 -6.71 -9.94 13.88
CA SER B 88 -5.83 -10.28 15.00
C SER B 88 -6.45 -11.32 15.93
N ALA B 89 -7.73 -11.15 16.26
CA ALA B 89 -8.38 -12.04 17.21
C ALA B 89 -8.67 -13.43 16.64
N ARG B 90 -8.58 -13.65 15.32
CA ARG B 90 -8.87 -14.94 14.70
CA ARG B 90 -8.87 -14.95 14.71
C ARG B 90 -7.78 -15.38 13.75
N TRP B 91 -6.55 -14.93 13.98
CA TRP B 91 -5.47 -15.16 13.02
C TRP B 91 -5.23 -16.65 12.77
N SER B 92 -5.41 -17.50 13.79
CA SER B 92 -5.26 -18.94 13.61
C SER B 92 -6.46 -19.57 12.91
N GLY B 93 -7.49 -18.80 12.59
CA GLY B 93 -8.70 -19.35 12.03
C GLY B 93 -9.79 -19.58 13.04
N ARG B 94 -9.46 -19.43 14.33
CA ARG B 94 -10.38 -19.71 15.44
C ARG B 94 -10.39 -18.47 16.31
N HIS B 95 -11.53 -17.80 16.36
CA HIS B 95 -11.67 -16.58 17.14
C HIS B 95 -11.42 -16.84 18.62
N GLY B 96 -10.64 -15.98 19.26
CA GLY B 96 -10.51 -16.05 20.71
C GLY B 96 -9.53 -17.09 21.21
N ASP B 97 -8.83 -17.80 20.31
CA ASP B 97 -7.83 -18.79 20.70
C ASP B 97 -6.49 -18.06 20.71
N ASP B 98 -6.25 -17.31 21.79
CA ASP B 98 -5.07 -16.45 21.85
C ASP B 98 -3.78 -17.24 21.71
N ALA B 99 -3.70 -18.39 22.37
CA ALA B 99 -2.47 -19.17 22.35
C ALA B 99 -2.13 -19.65 20.95
N ALA B 100 -3.14 -20.09 20.19
CA ALA B 100 -2.90 -20.56 18.82
C ALA B 100 -2.59 -19.39 17.88
N ASN B 101 -3.24 -18.24 18.08
CA ASN B 101 -2.91 -17.07 17.25
C ASN B 101 -1.44 -16.72 17.41
N THR B 102 -0.97 -16.71 18.66
CA THR B 102 0.41 -16.41 18.99
C THR B 102 1.36 -17.44 18.40
N ALA B 103 1.04 -18.73 18.59
CA ALA B 103 1.89 -19.79 18.04
C ALA B 103 1.98 -19.70 16.52
N LEU B 104 0.88 -19.38 15.85
CA LEU B 104 0.93 -19.21 14.41
C LEU B 104 1.88 -18.08 14.03
N LEU B 105 1.73 -16.92 14.67
CA LEU B 105 2.58 -15.79 14.34
C LEU B 105 4.06 -16.15 14.46
N LEU B 106 4.44 -16.75 15.59
CA LEU B 106 5.83 -17.17 15.77
C LEU B 106 6.27 -18.12 14.67
N ALA B 107 5.42 -19.10 14.31
CA ALA B 107 5.81 -20.06 13.28
C ALA B 107 5.97 -19.38 11.93
N GLN B 108 5.07 -18.44 11.60
CA GLN B 108 5.19 -17.70 10.34
C GLN B 108 6.50 -16.92 10.27
N LEU B 109 6.99 -16.41 11.40
CA LEU B 109 8.17 -15.58 11.44
C LEU B 109 9.44 -16.34 11.91
N SER B 110 9.42 -17.67 11.93
CA SER B 110 10.44 -18.40 12.69
C SER B 110 11.87 -18.12 12.22
N ASP B 111 12.08 -17.82 10.95
CA ASP B 111 13.46 -17.58 10.49
C ASP B 111 13.79 -16.12 10.25
N ILE B 112 12.96 -15.20 10.70
CA ILE B 112 13.13 -13.79 10.38
C ILE B 112 14.05 -13.12 11.42
N PRO B 113 15.13 -12.46 10.99
CA PRO B 113 16.05 -11.83 11.95
C PRO B 113 15.42 -10.65 12.67
N ASP B 114 15.98 -10.35 13.85
CA ASP B 114 15.42 -9.34 14.75
C ASP B 114 15.10 -8.05 14.01
N GLU B 115 15.99 -7.62 13.11
CA GLU B 115 15.84 -6.33 12.44
C GLU B 115 14.56 -6.22 11.64
N ARG B 116 13.98 -7.35 11.23
CA ARG B 116 12.79 -7.33 10.39
C ARG B 116 11.56 -7.81 11.14
N ARG B 117 11.64 -7.97 12.46
CA ARG B 117 10.52 -8.41 13.27
C ARG B 117 9.68 -7.24 13.81
N GLY B 118 9.77 -6.06 13.20
CA GLY B 118 9.03 -4.92 13.71
C GLY B 118 7.53 -5.13 13.69
N ALA B 119 6.86 -4.50 14.67
CA ALA B 119 5.42 -4.65 14.83
C ALA B 119 4.90 -3.48 15.66
N ALA B 120 3.57 -3.39 15.76
CA ALA B 120 2.95 -2.37 16.59
C ALA B 120 1.61 -2.86 17.10
N PHE B 121 1.32 -2.54 18.36
CA PHE B 121 -0.07 -2.61 18.82
C PHE B 121 -0.78 -1.34 18.39
N VAL B 122 -1.94 -1.50 17.76
CA VAL B 122 -2.69 -0.39 17.19
C VAL B 122 -4.08 -0.38 17.80
N SER B 123 -4.57 0.81 18.09
CA SER B 123 -5.91 1.00 18.62
C SER B 123 -6.49 2.22 17.90
N ALA B 124 -7.56 2.02 17.14
CA ALA B 124 -8.21 3.10 16.41
C ALA B 124 -9.60 3.33 16.98
N CYS B 125 -10.02 4.61 16.96
CA CYS B 125 -11.34 5.00 17.45
CA CYS B 125 -11.32 5.02 17.46
C CYS B 125 -11.95 5.99 16.47
N ALA B 126 -13.20 5.77 16.11
CA ALA B 126 -13.87 6.61 15.13
C ALA B 126 -15.10 7.28 15.73
N LEU B 127 -15.36 8.50 15.26
CA LEU B 127 -16.58 9.23 15.58
C LEU B 127 -17.29 9.60 14.29
N VAL B 128 -18.59 9.31 14.22
CA VAL B 128 -19.47 9.78 13.15
C VAL B 128 -20.68 10.47 13.77
N THR B 129 -20.98 11.69 13.29
CA THR B 129 -22.06 12.50 13.83
C THR B 129 -23.34 12.22 13.06
N PRO B 130 -24.51 12.56 13.63
CA PRO B 130 -25.76 12.34 12.90
C PRO B 130 -25.78 13.01 11.54
N GLU B 131 -25.10 14.15 11.40
CA GLU B 131 -24.99 14.87 10.14
C GLU B 131 -23.96 14.28 9.17
N GLY B 132 -23.20 13.26 9.58
CA GLY B 132 -22.26 12.60 8.68
C GLY B 132 -20.82 13.09 8.75
N GLU B 133 -20.46 13.90 9.74
CA GLU B 133 -19.06 14.23 9.93
C GLU B 133 -18.31 13.01 10.44
N GLU B 134 -17.08 12.82 9.96
CA GLU B 134 -16.28 11.65 10.29
C GLU B 134 -14.88 12.06 10.74
N VAL B 135 -14.48 11.56 11.90
CA VAL B 135 -13.14 11.72 12.43
C VAL B 135 -12.66 10.36 12.92
N VAL B 136 -11.43 9.99 12.59
CA VAL B 136 -10.84 8.77 13.11
C VAL B 136 -9.45 9.07 13.65
N VAL B 137 -9.17 8.54 14.82
CA VAL B 137 -7.88 8.64 15.50
CA VAL B 137 -7.86 8.64 15.44
C VAL B 137 -7.33 7.22 15.65
N GLU B 138 -6.00 7.09 15.64
CA GLU B 138 -5.41 5.81 15.99
C GLU B 138 -4.15 6.06 16.81
N GLY B 139 -3.82 5.12 17.69
CA GLY B 139 -2.53 5.12 18.38
C GLY B 139 -1.75 3.86 18.05
N ARG B 140 -0.43 4.03 17.90
CA ARG B 140 0.46 2.92 17.58
C ARG B 140 1.57 2.87 18.61
N TRP B 141 1.70 1.73 19.27
CA TRP B 141 2.75 1.45 20.23
C TRP B 141 3.78 0.58 19.51
N LYS B 142 4.95 1.15 19.22
CA LYS B 142 5.93 0.51 18.34
C LYS B 142 6.73 -0.53 19.11
N GLY B 143 7.03 -1.64 18.45
CA GLY B 143 7.85 -2.68 19.07
C GLY B 143 8.27 -3.76 18.09
N SER B 144 8.38 -5.01 18.55
CA SER B 144 8.77 -6.10 17.67
C SER B 144 8.26 -7.42 18.24
N ILE B 145 8.35 -8.48 17.44
CA ILE B 145 7.85 -9.79 17.84
C ILE B 145 8.99 -10.60 18.46
N ALA B 146 8.73 -11.10 19.66
CA ALA B 146 9.66 -12.00 20.31
C ALA B 146 9.76 -13.30 19.53
N ARG B 147 10.74 -14.12 19.90
CA ARG B 147 10.92 -15.46 19.35
C ARG B 147 10.26 -16.52 20.21
N ILE B 148 10.12 -16.24 21.51
CA ILE B 148 9.43 -17.15 22.43
C ILE B 148 8.55 -16.33 23.36
N PRO B 149 7.42 -16.90 23.78
CA PRO B 149 6.52 -16.17 24.67
C PRO B 149 7.16 -16.00 26.03
N ALA B 150 6.85 -14.89 26.70
CA ALA B 150 7.32 -14.66 28.06
C ALA B 150 6.28 -13.85 28.81
N GLY B 151 6.12 -14.14 30.11
CA GLY B 151 5.21 -13.32 30.90
C GLY B 151 3.80 -13.88 30.96
N GLN B 152 3.11 -13.54 32.04
CA GLN B 152 1.78 -14.06 32.29
C GLN B 152 0.75 -12.98 32.59
N ASN B 153 1.14 -11.71 32.58
CA ASN B 153 0.25 -10.59 32.87
C ASN B 153 -0.19 -9.89 31.59
N GLY B 154 -0.87 -10.61 30.73
CA GLY B 154 -1.30 -10.02 29.47
C GLY B 154 -2.31 -10.90 28.77
N PHE B 155 -2.97 -10.31 27.78
CA PHE B 155 -3.90 -11.03 26.92
C PHE B 155 -3.39 -11.03 25.48
N GLY B 156 -4.02 -11.85 24.65
CA GLY B 156 -3.73 -11.81 23.22
C GLY B 156 -2.27 -12.03 22.92
N TYR B 157 -1.69 -11.13 22.11
CA TYR B 157 -0.30 -11.25 21.71
C TYR B 157 0.68 -10.66 22.71
N ASP B 158 0.22 -10.23 23.88
CA ASP B 158 1.14 -9.65 24.87
C ASP B 158 2.36 -10.52 25.14
N PRO B 159 2.28 -11.85 25.28
CA PRO B 159 3.50 -12.62 25.59
C PRO B 159 4.57 -12.57 24.49
N ILE B 160 4.27 -12.09 23.28
CA ILE B 160 5.32 -12.05 22.26
C ILE B 160 5.55 -10.66 21.71
N PHE B 161 4.94 -9.63 22.31
CA PHE B 161 5.13 -8.27 21.83
C PHE B 161 6.15 -7.56 22.70
N VAL B 162 7.26 -7.14 22.10
CA VAL B 162 8.34 -6.47 22.82
C VAL B 162 8.26 -4.98 22.49
N PRO B 163 7.80 -4.13 23.42
CA PRO B 163 7.81 -2.70 23.14
C PRO B 163 9.22 -2.19 22.86
N ARG B 164 9.32 -1.33 21.87
CA ARG B 164 10.57 -0.61 21.65
C ARG B 164 10.99 0.11 22.94
N GLY B 165 12.28 0.15 23.19
CA GLY B 165 12.76 0.71 24.43
C GLY B 165 13.05 -0.30 25.54
N GLY B 166 12.87 -1.59 25.27
CA GLY B 166 13.22 -2.62 26.23
C GLY B 166 13.28 -3.97 25.55
N LEU B 167 13.60 -4.98 26.35
CA LEU B 167 13.62 -6.37 25.91
C LEU B 167 12.47 -7.20 26.46
N ARG B 168 11.79 -6.71 27.49
CA ARG B 168 10.67 -7.44 28.07
C ARG B 168 9.43 -7.33 27.20
N THR B 169 8.62 -8.38 27.23
CA THR B 169 7.37 -8.38 26.50
C THR B 169 6.30 -7.63 27.28
N ALA B 170 5.22 -7.29 26.56
CA ALA B 170 4.10 -6.60 27.19
C ALA B 170 3.52 -7.41 28.34
N ALA B 171 3.48 -8.75 28.19
CA ALA B 171 2.99 -9.62 29.26
C ALA B 171 3.92 -9.66 30.46
N GLU B 172 5.16 -9.23 30.31
CA GLU B 172 6.09 -9.17 31.43
C GLU B 172 6.00 -7.85 32.19
N LEU B 173 5.27 -6.87 31.66
CA LEU B 173 5.16 -5.55 32.28
C LEU B 173 4.22 -5.55 33.47
N THR B 174 4.57 -4.76 34.48
CA THR B 174 3.73 -4.59 35.64
C THR B 174 2.50 -3.73 35.31
N PRO B 175 1.47 -3.79 36.16
CA PRO B 175 0.34 -2.86 35.96
C PRO B 175 0.76 -1.40 35.95
N GLU B 176 1.68 -1.01 36.85
CA GLU B 176 2.19 0.35 36.83
C GLU B 176 2.90 0.66 35.51
N GLU B 177 3.62 -0.32 34.97
CA GLU B 177 4.29 -0.08 33.70
C GLU B 177 3.29 0.07 32.56
N LYS B 178 2.14 -0.61 32.66
CA LYS B 178 1.15 -0.56 31.58
C LYS B 178 0.33 0.72 31.59
N ASP B 179 0.06 1.28 32.77
CA ASP B 179 -0.67 2.53 32.85
C ASP B 179 0.15 3.69 32.29
N ALA B 180 1.46 3.70 32.58
CA ALA B 180 2.32 4.77 32.07
C ALA B 180 2.34 4.82 30.55
N VAL B 181 2.08 3.69 29.89
CA VAL B 181 2.04 3.65 28.44
C VAL B 181 0.70 4.17 27.91
N SER B 182 -0.39 3.89 28.62
CA SER B 182 -1.70 4.38 28.19
C SER B 182 -1.93 5.84 28.57
N HIS B 183 -1.25 6.35 29.60
CA HIS B 183 -1.36 7.76 29.95
C HIS B 183 -0.70 8.64 28.90
N ARG B 184 0.48 8.23 28.42
CA ARG B 184 1.16 8.97 27.36
C ARG B 184 0.45 8.83 26.02
N GLY B 185 -0.18 7.70 25.75
CA GLY B 185 -0.96 7.56 24.51
C GLY B 185 -2.14 8.52 24.46
N ARG B 186 -2.89 8.60 25.55
CA ARG B 186 -4.03 9.53 25.62
C ARG B 186 -3.57 10.98 25.65
N ALA B 187 -2.38 11.24 26.24
CA ALA B 187 -1.84 12.59 26.26
C ALA B 187 -1.45 13.06 24.86
N LEU B 188 -0.90 12.16 24.05
CA LEU B 188 -0.65 12.51 22.65
C LEU B 188 -1.95 12.73 21.89
N ALA B 189 -2.96 11.89 22.15
CA ALA B 189 -4.23 11.99 21.42
C ALA B 189 -4.90 13.35 21.62
N ALA B 190 -4.68 13.96 22.78
CA ALA B 190 -5.27 15.28 23.05
C ALA B 190 -4.46 16.40 22.44
N LEU B 191 -3.19 16.16 22.12
CA LEU B 191 -2.30 17.18 21.57
C LEU B 191 -2.55 17.45 20.09
N LEU B 192 -3.15 16.49 19.36
CA LEU B 192 -3.38 16.55 17.92
C LEU B 192 -3.95 17.89 17.50
N PRO B 193 -3.20 18.69 16.74
CA PRO B 193 -3.71 20.01 16.30
C PRO B 193 -5.04 19.93 15.60
N MET B 194 -5.26 18.87 14.82
CA MET B 194 -6.52 18.68 14.14
C MET B 194 -7.61 18.39 15.17
N MET C 1 9.56 17.38 34.69
CA MET C 1 10.38 16.78 33.64
C MET C 1 10.40 17.67 32.40
N LYS C 2 11.57 17.77 31.77
CA LYS C 2 11.67 18.54 30.54
C LYS C 2 11.32 17.65 29.35
N ILE C 3 10.52 18.19 28.43
CA ILE C 3 10.17 17.51 27.20
C ILE C 3 10.47 18.43 26.03
N LEU C 4 11.21 17.91 25.04
CA LEU C 4 11.53 18.69 23.87
C LEU C 4 10.35 18.64 22.89
N VAL C 5 9.84 19.82 22.51
CA VAL C 5 8.88 19.94 21.42
C VAL C 5 9.66 20.27 20.16
N ALA C 6 9.64 19.35 19.19
CA ALA C 6 10.44 19.49 17.96
C ALA C 6 9.79 20.48 16.99
N SER C 7 9.64 21.71 17.45
CA SER C 7 9.06 22.78 16.67
C SER C 7 9.68 24.09 17.14
N ARG C 8 9.78 25.06 16.23
CA ARG C 8 10.18 26.41 16.60
C ARG C 8 8.98 27.36 16.66
N ASN C 9 7.78 26.84 16.46
CA ASN C 9 6.56 27.64 16.51
C ASN C 9 6.03 27.65 17.93
N PRO C 10 6.07 28.78 18.64
CA PRO C 10 5.55 28.79 20.02
C PRO C 10 4.07 28.41 20.09
N LYS C 11 3.32 28.55 19.00
CA LYS C 11 1.91 28.18 19.01
C LYS C 11 1.72 26.71 19.37
N LYS C 12 2.64 25.85 18.94
CA LYS C 12 2.55 24.43 19.30
C LYS C 12 2.74 24.24 20.80
N LEU C 13 3.71 24.92 21.38
CA LEU C 13 4.00 24.77 22.80
C LEU C 13 2.88 25.33 23.67
N ALA C 14 2.32 26.48 23.28
CA ALA C 14 1.26 27.08 24.07
C ALA C 14 0.04 26.17 24.14
N GLU C 15 -0.36 25.62 22.99
CA GLU C 15 -1.49 24.70 22.99
C GLU C 15 -1.15 23.44 23.76
N LEU C 16 0.07 22.93 23.58
CA LEU C 16 0.49 21.73 24.28
C LEU C 16 0.57 21.94 25.79
N SER C 17 1.02 23.13 26.22
CA SER C 17 1.08 23.41 27.66
C SER C 17 -0.31 23.38 28.28
N ARG C 18 -1.28 24.03 27.65
CA ARG C 18 -2.64 24.07 28.18
C ARG C 18 -3.33 22.72 28.09
N VAL C 19 -2.95 21.89 27.10
CA VAL C 19 -3.55 20.58 26.95
C VAL C 19 -2.96 19.56 27.92
N LEU C 20 -1.70 19.75 28.36
CA LEU C 20 -1.08 18.86 29.33
C LEU C 20 -1.64 19.00 30.74
N GLU C 21 -2.39 20.08 31.02
CA GLU C 21 -3.03 20.20 32.32
C GLU C 21 -4.26 19.29 32.42
N SER C 22 -4.95 19.08 31.31
CA SER C 22 -6.10 18.20 31.25
C SER C 22 -5.69 16.72 31.15
N SER C 26 1.07 19.09 34.86
CA SER C 26 1.37 18.34 36.06
C SER C 26 2.87 18.26 36.34
N GLY C 27 3.56 19.39 36.13
CA GLY C 27 4.98 19.49 36.44
C GLY C 27 5.91 19.40 35.26
N VAL C 28 5.39 19.29 34.04
CA VAL C 28 6.21 19.16 32.83
C VAL C 28 6.71 20.54 32.41
N GLU C 29 8.01 20.65 32.12
CA GLU C 29 8.56 21.85 31.50
C GLU C 29 8.84 21.55 30.03
N LEU C 30 8.23 22.32 29.14
CA LEU C 30 8.42 22.17 27.70
C LEU C 30 9.52 23.08 27.18
N VAL C 31 10.38 22.53 26.34
CA VAL C 31 11.42 23.30 25.66
C VAL C 31 11.24 23.08 24.15
N SER C 32 11.57 24.11 23.37
CA SER C 32 11.42 24.07 21.92
C SER C 32 12.80 23.94 21.27
N LEU C 33 12.77 23.79 19.95
CA LEU C 33 14.03 23.73 19.21
C LEU C 33 14.81 25.04 19.30
N THR C 34 14.14 26.15 19.57
CA THR C 34 14.85 27.42 19.70
C THR C 34 15.63 27.52 21.02
N ASP C 35 15.37 26.62 21.97
CA ASP C 35 16.10 26.60 23.23
C ASP C 35 17.30 25.67 23.24
N VAL C 36 17.48 24.87 22.21
CA VAL C 36 18.63 23.96 22.13
C VAL C 36 19.37 24.27 20.83
N PRO C 37 20.65 23.93 20.76
CA PRO C 37 21.43 24.22 19.55
C PRO C 37 20.76 23.68 18.28
N GLU C 38 20.86 24.45 17.22
CA GLU C 38 20.29 24.05 15.94
C GLU C 38 20.94 22.76 15.43
N TYR C 39 20.14 21.91 14.80
CA TYR C 39 20.66 20.74 14.11
C TYR C 39 19.94 20.58 12.78
N GLU C 40 20.57 19.81 11.87
CA GLU C 40 20.06 19.63 10.52
C GLU C 40 18.74 18.86 10.53
N GLU C 41 17.74 19.38 9.82
CA GLU C 41 16.42 18.77 9.74
C GLU C 41 16.33 17.94 8.46
N VAL C 42 16.15 16.64 8.62
CA VAL C 42 16.09 15.74 7.46
C VAL C 42 14.84 16.03 6.65
N PRO C 43 14.93 16.19 5.32
CA PRO C 43 13.73 16.47 4.53
C PRO C 43 12.77 15.29 4.53
N GLU C 44 11.49 15.60 4.40
CA GLU C 44 10.44 14.61 4.57
C GLU C 44 9.88 14.16 3.23
N THR C 45 9.61 12.86 3.11
CA THR C 45 9.07 12.29 1.90
C THR C 45 7.96 11.31 2.25
N GLY C 46 7.14 11.01 1.24
CA GLY C 46 6.12 9.99 1.34
C GLY C 46 4.77 10.48 1.82
N ALA C 47 3.91 9.51 2.14
CA ALA C 47 2.56 9.79 2.57
C ALA C 47 2.33 9.59 4.06
N SER C 48 3.29 9.04 4.81
CA SER C 48 3.05 8.65 6.20
C SER C 48 3.36 9.81 7.14
N PHE C 49 2.32 10.52 7.61
CA PHE C 49 2.54 11.53 8.65
C PHE C 49 3.09 10.89 9.93
N GLU C 50 2.63 9.68 10.25
CA GLU C 50 3.09 8.99 11.45
C GLU C 50 4.58 8.69 11.41
N ASP C 51 5.05 8.07 10.32
CA ASP C 51 6.46 7.74 10.24
C ASP C 51 7.31 9.00 10.37
N ASN C 52 6.87 10.08 9.72
CA ASN C 52 7.67 11.29 9.70
C ASN C 52 7.65 12.00 11.05
N ALA C 53 6.53 11.94 11.78
CA ALA C 53 6.52 12.48 13.14
C ALA C 53 7.47 11.71 14.04
N LEU C 54 7.55 10.39 13.85
CA LEU C 54 8.48 9.56 14.61
C LEU C 54 9.94 9.90 14.29
N ILE C 55 10.25 10.10 13.00
CA ILE C 55 11.61 10.48 12.61
C ILE C 55 12.03 11.77 13.29
N LYS C 56 11.14 12.78 13.28
CA LYS C 56 11.49 14.06 13.91
C LYS C 56 11.66 13.91 15.41
N ALA C 57 10.80 13.10 16.03
CA ALA C 57 10.87 12.91 17.47
C ALA C 57 12.12 12.14 17.87
N ARG C 58 12.51 11.14 17.07
CA ARG C 58 13.76 10.43 17.33
C ARG C 58 14.96 11.38 17.29
N GLU C 59 15.01 12.26 16.29
CA GLU C 59 16.11 13.20 16.17
C GLU C 59 16.19 14.12 17.38
N GLY C 60 15.03 14.56 17.88
CA GLY C 60 15.03 15.41 19.07
C GLY C 60 15.67 14.75 20.27
N VAL C 61 15.28 13.50 20.54
CA VAL C 61 15.90 12.75 21.63
C VAL C 61 17.38 12.60 21.38
N LYS C 62 17.76 12.27 20.15
CA LYS C 62 19.15 12.03 19.80
C LYS C 62 20.04 13.22 20.13
N HIS C 63 19.56 14.43 19.89
CA HIS C 63 20.36 15.63 20.06
C HIS C 63 20.25 16.24 21.45
N THR C 64 19.26 15.85 22.26
CA THR C 64 19.06 16.49 23.57
C THR C 64 19.03 15.52 24.73
N GLY C 65 18.81 14.23 24.51
CA GLY C 65 18.59 13.29 25.59
C GLY C 65 17.26 13.42 26.30
N LEU C 66 16.40 14.36 25.88
CA LEU C 66 15.06 14.57 26.42
C LEU C 66 14.02 13.76 25.66
N ALA C 67 12.96 13.37 26.37
CA ALA C 67 11.75 12.91 25.69
C ALA C 67 11.29 13.97 24.71
N CYS C 68 10.77 13.52 23.56
CA CYS C 68 10.50 14.47 22.50
C CYS C 68 9.15 14.19 21.87
N VAL C 69 8.33 15.23 21.74
CA VAL C 69 7.10 15.18 20.99
C VAL C 69 7.31 15.94 19.69
N ALA C 70 6.87 15.37 18.58
CA ALA C 70 6.92 16.04 17.29
C ALA C 70 5.62 15.77 16.59
N ASP C 71 5.27 16.65 15.65
CA ASP C 71 4.05 16.51 14.90
C ASP C 71 4.33 16.60 13.41
N ASP C 72 3.33 16.19 12.65
CA ASP C 72 3.40 16.17 11.19
C ASP C 72 1.96 16.14 10.69
N SER C 73 1.60 17.12 9.83
CA SER C 73 0.23 17.33 9.40
C SER C 73 0.19 17.63 7.92
N GLY C 74 -0.96 17.34 7.31
CA GLY C 74 -1.11 17.68 5.90
C GLY C 74 -2.37 17.07 5.32
N LEU C 75 -2.39 16.97 3.99
CA LEU C 75 -3.57 16.55 3.26
C LEU C 75 -3.30 15.22 2.54
N ALA C 76 -4.25 14.28 2.66
CA ALA C 76 -4.16 12.97 2.01
C ALA C 76 -5.32 12.83 1.04
N VAL C 77 -5.01 12.65 -0.24
CA VAL C 77 -6.02 12.62 -1.30
C VAL C 77 -6.00 11.23 -1.92
N ASP C 78 -7.14 10.53 -1.85
CA ASP C 78 -7.24 9.16 -2.36
C ASP C 78 -6.72 9.07 -3.78
N ALA C 79 -7.18 9.97 -4.66
CA ALA C 79 -6.83 9.92 -6.09
C ALA C 79 -5.34 10.17 -6.34
N LEU C 80 -4.61 10.71 -5.36
CA LEU C 80 -3.18 10.89 -5.48
C LEU C 80 -2.43 9.89 -4.59
N ASN C 81 -3.04 8.73 -4.36
CA ASN C 81 -2.46 7.69 -3.52
C ASN C 81 -2.05 8.24 -2.17
N TRP C 82 -2.92 9.10 -1.62
CA TRP C 82 -2.81 9.71 -0.30
C TRP C 82 -1.69 10.74 -0.20
N MET C 83 -1.08 11.15 -1.32
CA MET C 83 -0.39 12.43 -1.36
C MET C 83 -1.43 13.55 -1.41
N PRO C 84 -1.04 14.83 -1.23
CA PRO C 84 0.26 15.47 -1.03
C PRO C 84 1.05 14.92 0.16
N GLY C 85 0.39 14.34 1.16
CA GLY C 85 1.14 13.67 2.23
C GLY C 85 2.07 14.64 2.92
N VAL C 86 3.27 14.17 3.26
CA VAL C 86 4.18 15.06 3.99
C VAL C 86 4.81 16.12 3.08
N LEU C 87 4.53 16.09 1.78
CA LEU C 87 4.89 17.21 0.92
C LEU C 87 3.76 18.25 0.82
N SER C 88 2.76 18.18 1.71
CA SER C 88 1.60 19.06 1.60
C SER C 88 1.99 20.53 1.51
N ALA C 89 2.92 20.97 2.36
CA ALA C 89 3.26 22.39 2.41
C ALA C 89 4.10 22.84 1.22
N ARG C 90 4.59 21.91 0.40
CA ARG C 90 5.41 22.28 -0.74
CA ARG C 90 5.44 22.25 -0.73
C ARG C 90 4.96 21.55 -2.00
N TRP C 91 3.68 21.18 -2.06
CA TRP C 91 3.18 20.33 -3.14
C TRP C 91 3.43 20.93 -4.52
N SER C 92 3.31 22.25 -4.65
CA SER C 92 3.55 22.89 -5.92
C SER C 92 5.04 23.01 -6.24
N GLY C 93 5.93 22.62 -5.35
CA GLY C 93 7.35 22.84 -5.56
C GLY C 93 7.87 24.08 -4.86
N ARG C 94 6.98 24.85 -4.22
CA ARG C 94 7.29 26.13 -3.61
C ARG C 94 6.80 26.06 -2.16
N HIS C 95 7.72 26.07 -1.21
CA HIS C 95 7.35 25.92 0.19
C HIS C 95 6.53 27.10 0.68
N GLY C 96 5.42 26.80 1.37
CA GLY C 96 4.68 27.81 2.08
C GLY C 96 3.76 28.68 1.25
N ASP C 97 3.65 28.42 -0.05
CA ASP C 97 2.79 29.17 -0.96
C ASP C 97 1.44 28.46 -1.10
N ASP C 98 0.51 28.78 -0.19
CA ASP C 98 -0.77 28.09 -0.10
C ASP C 98 -1.56 28.16 -1.40
N ALA C 99 -1.59 29.31 -2.04
CA ALA C 99 -2.38 29.45 -3.27
C ALA C 99 -1.83 28.58 -4.39
N ALA C 100 -0.49 28.47 -4.49
CA ALA C 100 0.12 27.64 -5.53
C ALA C 100 -0.09 26.15 -5.25
N ASN C 101 -0.02 25.73 -3.98
CA ASN C 101 -0.29 24.34 -3.65
C ASN C 101 -1.71 23.94 -4.01
N THR C 102 -2.68 24.79 -3.66
CA THR C 102 -4.09 24.58 -3.99
C THR C 102 -4.30 24.57 -5.51
N ALA C 103 -3.70 25.53 -6.21
CA ALA C 103 -3.89 25.58 -7.66
C ALA C 103 -3.37 24.31 -8.33
N LEU C 104 -2.22 23.79 -7.91
CA LEU C 104 -1.74 22.56 -8.50
C LEU C 104 -2.72 21.41 -8.25
N LEU C 105 -3.17 21.27 -7.00
CA LEU C 105 -4.07 20.18 -6.64
C LEU C 105 -5.34 20.20 -7.49
N LEU C 106 -5.96 21.38 -7.62
CA LEU C 106 -7.17 21.48 -8.45
C LEU C 106 -6.89 21.05 -9.88
N ALA C 107 -5.77 21.51 -10.45
CA ALA C 107 -5.47 21.18 -11.85
C ALA C 107 -5.20 19.68 -12.01
N GLN C 108 -4.50 19.07 -11.05
CA GLN C 108 -4.25 17.63 -11.14
C GLN C 108 -5.54 16.84 -11.14
N LEU C 109 -6.55 17.30 -10.38
CA LEU C 109 -7.82 16.62 -10.20
C LEU C 109 -8.93 17.16 -11.10
N SER C 110 -8.61 17.98 -12.10
CA SER C 110 -9.63 18.75 -12.78
C SER C 110 -10.65 17.89 -13.52
N ASP C 111 -10.33 16.63 -13.83
CA ASP C 111 -11.28 15.79 -14.53
C ASP C 111 -11.95 14.74 -13.62
N ILE C 112 -11.70 14.78 -12.32
CA ILE C 112 -12.10 13.71 -11.42
C ILE C 112 -13.50 13.99 -10.88
N PRO C 113 -14.47 13.09 -11.06
CA PRO C 113 -15.83 13.36 -10.57
C PRO C 113 -15.90 13.32 -9.05
N ASP C 114 -16.88 14.04 -8.50
CA ASP C 114 -16.96 14.25 -7.05
C ASP C 114 -16.84 12.94 -6.27
N GLU C 115 -17.43 11.87 -6.79
CA GLU C 115 -17.43 10.58 -6.09
C GLU C 115 -16.03 10.04 -5.84
N ARG C 116 -15.04 10.46 -6.62
CA ARG C 116 -13.68 9.96 -6.48
C ARG C 116 -12.74 11.02 -5.93
N ARG C 117 -13.26 12.13 -5.42
CA ARG C 117 -12.44 13.20 -4.88
C ARG C 117 -12.21 13.09 -3.37
N GLY C 118 -12.35 11.90 -2.79
CA GLY C 118 -12.22 11.78 -1.35
C GLY C 118 -10.84 12.18 -0.86
N ALA C 119 -10.81 12.71 0.35
CA ALA C 119 -9.57 13.21 0.94
C ALA C 119 -9.74 13.30 2.45
N ALA C 120 -8.64 13.58 3.14
CA ALA C 120 -8.68 13.80 4.58
C ALA C 120 -7.60 14.77 5.00
N PHE C 121 -7.92 15.64 5.96
CA PHE C 121 -6.90 16.34 6.73
C PHE C 121 -6.36 15.40 7.82
N VAL C 122 -5.04 15.34 7.93
CA VAL C 122 -4.37 14.40 8.83
C VAL C 122 -3.40 15.16 9.71
N SER C 123 -3.35 14.77 10.97
CA SER C 123 -2.43 15.35 11.95
C SER C 123 -1.88 14.23 12.81
N ALA C 124 -0.56 14.04 12.80
CA ALA C 124 0.06 12.98 13.58
C ALA C 124 0.98 13.57 14.66
N CYS C 125 1.04 12.90 15.81
CA CYS C 125 1.90 13.29 16.92
C CYS C 125 2.65 12.08 17.43
N ALA C 126 3.97 12.20 17.56
CA ALA C 126 4.79 11.10 18.04
C ALA C 126 5.48 11.50 19.33
N LEU C 127 5.66 10.51 20.21
CA LEU C 127 6.47 10.67 21.42
C LEU C 127 7.55 9.60 21.41
N VAL C 128 8.79 10.02 21.62
CA VAL C 128 9.93 9.12 21.79
C VAL C 128 10.61 9.49 23.09
N THR C 129 10.83 8.49 23.98
CA THR C 129 11.42 8.71 25.30
C THR C 129 12.93 8.44 25.25
N PRO C 130 13.70 8.94 26.22
CA PRO C 130 15.15 8.64 26.25
C PRO C 130 15.45 7.15 26.29
N GLU C 131 14.59 6.36 26.91
CA GLU C 131 14.79 4.92 27.00
C GLU C 131 14.41 4.20 25.71
N GLY C 132 13.88 4.91 24.72
CA GLY C 132 13.58 4.33 23.42
C GLY C 132 12.16 3.88 23.18
N GLU C 133 11.23 4.20 24.09
CA GLU C 133 9.81 3.94 23.82
C GLU C 133 9.33 4.81 22.69
N GLU C 134 8.47 4.24 21.82
CA GLU C 134 7.93 4.97 20.68
C GLU C 134 6.43 4.78 20.63
N VAL C 135 5.71 5.90 20.61
CA VAL C 135 4.27 5.92 20.43
C VAL C 135 3.95 7.01 19.42
N VAL C 136 3.08 6.70 18.46
CA VAL C 136 2.63 7.72 17.52
C VAL C 136 1.11 7.62 17.40
N VAL C 137 0.46 8.79 17.39
CA VAL C 137 -0.98 8.93 17.24
CA VAL C 137 -0.97 8.90 17.21
C VAL C 137 -1.21 9.78 15.99
N GLU C 138 -2.40 9.63 15.39
CA GLU C 138 -2.81 10.49 14.29
C GLU C 138 -4.32 10.68 14.37
N GLY C 139 -4.78 11.80 13.84
CA GLY C 139 -6.20 12.04 13.62
C GLY C 139 -6.48 12.33 12.15
N ARG C 140 -7.60 11.84 11.65
CA ARG C 140 -8.02 12.05 10.27
C ARG C 140 -9.43 12.62 10.23
N TRP C 141 -9.58 13.77 9.59
CA TRP C 141 -10.85 14.43 9.38
C TRP C 141 -11.23 14.17 7.93
N LYS C 142 -12.26 13.35 7.71
CA LYS C 142 -12.60 12.87 6.37
C LYS C 142 -13.37 13.92 5.57
N GLY C 143 -13.10 13.95 4.27
CA GLY C 143 -13.85 14.83 3.40
C GLY C 143 -13.55 14.59 1.94
N SER C 144 -13.57 15.65 1.16
CA SER C 144 -13.27 15.57 -0.26
C SER C 144 -12.77 16.92 -0.74
N ILE C 145 -12.24 16.94 -1.95
CA ILE C 145 -11.65 18.13 -2.53
C ILE C 145 -12.71 18.83 -3.37
N ALA C 146 -12.91 20.12 -3.12
CA ALA C 146 -13.84 20.91 -3.91
C ALA C 146 -13.33 21.09 -5.34
N ARG C 147 -14.22 21.59 -6.19
CA ARG C 147 -13.82 21.90 -7.56
C ARG C 147 -13.34 23.32 -7.73
N ILE C 148 -13.85 24.25 -6.92
CA ILE C 148 -13.40 25.63 -6.95
C ILE C 148 -13.23 26.05 -5.50
N PRO C 149 -12.24 26.89 -5.19
CA PRO C 149 -12.07 27.31 -3.80
C PRO C 149 -13.23 28.20 -3.38
N ALA C 150 -13.58 28.12 -2.10
CA ALA C 150 -14.61 28.97 -1.53
C ALA C 150 -14.27 29.23 -0.08
N GLY C 151 -14.67 30.39 0.40
CA GLY C 151 -14.47 30.74 1.79
C GLY C 151 -13.18 31.49 2.04
N GLN C 152 -13.18 32.29 3.10
CA GLN C 152 -12.04 33.14 3.42
C GLN C 152 -11.54 32.97 4.86
N ASN C 153 -12.17 32.11 5.66
CA ASN C 153 -11.78 31.91 7.04
C ASN C 153 -10.97 30.62 7.20
N GLY C 154 -9.85 30.56 6.50
CA GLY C 154 -9.00 29.39 6.58
C GLY C 154 -7.67 29.63 5.91
N PHE C 155 -6.74 28.75 6.23
CA PHE C 155 -5.39 28.73 5.67
C PHE C 155 -5.20 27.45 4.87
N GLY C 156 -4.07 27.42 4.13
CA GLY C 156 -3.68 26.20 3.45
C GLY C 156 -4.76 25.73 2.50
N TYR C 157 -5.09 24.45 2.59
CA TYR C 157 -6.07 23.81 1.72
C TYR C 157 -7.51 24.01 2.20
N ASP C 158 -7.74 24.80 3.26
CA ASP C 158 -9.10 25.00 3.75
C ASP C 158 -10.09 25.44 2.67
N PRO C 159 -9.75 26.36 1.74
CA PRO C 159 -10.73 26.74 0.72
C PRO C 159 -11.16 25.62 -0.22
N ILE C 160 -10.47 24.47 -0.25
CA ILE C 160 -10.86 23.40 -1.17
C ILE C 160 -11.12 22.08 -0.46
N PHE C 161 -11.10 22.06 0.87
CA PHE C 161 -11.40 20.84 1.62
C PHE C 161 -12.84 20.91 2.09
N VAL C 162 -13.64 19.94 1.65
CA VAL C 162 -15.05 19.86 2.02
C VAL C 162 -15.17 18.75 3.07
N PRO C 163 -15.38 19.09 4.34
CA PRO C 163 -15.58 18.04 5.35
C PRO C 163 -16.81 17.19 5.00
N ARG C 164 -16.65 15.88 5.17
CA ARG C 164 -17.81 15.00 5.08
CA ARG C 164 -17.80 14.97 5.11
C ARG C 164 -18.89 15.47 6.05
N GLY C 165 -20.15 15.33 5.62
CA GLY C 165 -21.29 15.76 6.39
C GLY C 165 -21.90 17.09 5.94
N GLY C 166 -21.34 17.74 4.92
CA GLY C 166 -21.89 18.98 4.42
C GLY C 166 -21.31 19.30 3.06
N LEU C 167 -21.74 20.44 2.53
CA LEU C 167 -21.23 20.92 1.25
C LEU C 167 -20.26 22.08 1.40
N ARG C 168 -20.19 22.71 2.57
CA ARG C 168 -19.33 23.86 2.77
C ARG C 168 -17.86 23.42 2.87
N THR C 169 -16.96 24.29 2.43
CA THR C 169 -15.53 24.02 2.63
C THR C 169 -15.14 24.43 4.04
N ALA C 170 -13.98 23.95 4.47
CA ALA C 170 -13.47 24.29 5.80
C ALA C 170 -13.30 25.80 5.96
N ALA C 171 -12.83 26.48 4.91
CA ALA C 171 -12.65 27.92 4.97
C ALA C 171 -13.97 28.69 5.03
N GLU C 172 -15.09 28.03 4.74
CA GLU C 172 -16.41 28.64 4.87
C GLU C 172 -16.98 28.47 6.28
N LEU C 173 -16.32 27.69 7.14
CA LEU C 173 -16.82 27.49 8.49
C LEU C 173 -16.56 28.72 9.35
N THR C 174 -17.48 29.00 10.28
CA THR C 174 -17.34 30.12 11.21
C THR C 174 -16.30 29.79 12.29
N HIS C 183 -24.22 24.23 18.38
CA HIS C 183 -24.85 22.91 18.44
C HIS C 183 -23.85 21.85 17.99
N ARG C 184 -23.13 22.14 16.90
CA ARG C 184 -22.06 21.24 16.46
C ARG C 184 -20.88 21.29 17.43
N GLY C 185 -20.63 22.45 18.05
CA GLY C 185 -19.54 22.54 19.01
C GLY C 185 -19.76 21.65 20.23
N ARG C 186 -20.98 21.68 20.79
CA ARG C 186 -21.25 20.87 21.98
C ARG C 186 -21.20 19.37 21.68
N ALA C 187 -21.57 18.97 20.46
CA ALA C 187 -21.47 17.55 20.09
C ALA C 187 -20.02 17.10 19.90
N LEU C 188 -19.19 17.92 19.24
CA LEU C 188 -17.78 17.57 19.09
C LEU C 188 -17.02 17.68 20.39
N ALA C 189 -17.27 18.75 21.17
CA ALA C 189 -16.50 18.97 22.39
C ALA C 189 -16.71 17.85 23.41
N ALA C 190 -17.90 17.25 23.45
CA ALA C 190 -18.14 16.13 24.34
C ALA C 190 -17.74 14.80 23.74
N LEU C 191 -17.74 14.67 22.41
CA LEU C 191 -17.40 13.40 21.80
C LEU C 191 -15.89 13.20 21.65
N LEU C 192 -15.14 14.28 21.44
CA LEU C 192 -13.69 14.17 21.28
C LEU C 192 -13.00 13.43 22.42
N PRO C 193 -13.31 13.69 23.70
CA PRO C 193 -12.63 12.94 24.77
C PRO C 193 -12.76 11.43 24.67
N MET C 194 -13.92 10.93 24.20
CA MET C 194 -14.11 9.48 24.11
C MET C 194 -13.21 8.86 23.05
N LEU C 195 -12.87 9.63 22.00
CA LEU C 195 -11.94 9.13 20.98
C LEU C 195 -10.54 8.93 21.56
N ARG C 196 -10.11 9.78 22.47
CA ARG C 196 -8.81 9.59 23.13
C ARG C 196 -8.86 8.52 24.20
N ASN C 197 -10.05 8.27 24.77
CA ASN C 197 -10.19 7.32 25.87
C ASN C 197 -10.20 5.88 25.38
N LEU C 198 -10.99 5.59 24.34
CA LEU C 198 -11.03 4.23 23.81
C LEU C 198 -9.69 3.83 23.19
N VAL C 199 -8.84 4.78 22.81
CA VAL C 199 -7.44 4.46 22.58
C VAL C 199 -6.85 4.00 23.91
N ASN C 200 -6.28 2.80 23.91
CA ASN C 200 -5.72 2.21 25.13
C ASN C 200 -4.66 1.22 24.66
N LEU C 201 -3.44 1.73 24.48
CA LEU C 201 -2.37 0.92 23.91
C LEU C 201 -1.88 -0.13 24.90
N GLY C 202 -1.89 0.17 26.19
CA GLY C 202 -1.70 -0.83 27.21
C GLY C 202 -3.06 -1.37 27.63
N MET D 1 27.58 -16.74 -23.40
CA MET D 1 27.39 -15.97 -22.19
C MET D 1 26.67 -16.79 -21.13
N LYS D 2 27.15 -16.73 -19.88
CA LYS D 2 26.49 -17.42 -18.78
C LYS D 2 25.53 -16.49 -18.06
N ILE D 3 24.36 -17.03 -17.71
CA ILE D 3 23.35 -16.34 -16.92
C ILE D 3 23.00 -17.24 -15.73
N LEU D 4 23.05 -16.67 -14.52
CA LEU D 4 22.66 -17.42 -13.34
C LEU D 4 21.13 -17.39 -13.17
N VAL D 5 20.53 -18.57 -13.08
CA VAL D 5 19.13 -18.67 -12.63
C VAL D 5 19.14 -19.03 -11.15
N ALA D 6 18.59 -18.14 -10.31
CA ALA D 6 18.61 -18.31 -8.85
C ALA D 6 17.59 -19.37 -8.44
N SER D 7 17.85 -20.60 -8.87
CA SER D 7 16.97 -21.71 -8.61
C SER D 7 17.79 -22.98 -8.49
N ARG D 8 17.28 -23.94 -7.70
CA ARG D 8 17.83 -25.29 -7.68
C ARG D 8 16.99 -26.27 -8.49
N ASN D 9 15.96 -25.79 -9.18
CA ASN D 9 15.07 -26.63 -9.96
C ASN D 9 15.53 -26.68 -11.42
N PRO D 10 16.04 -27.81 -11.90
CA PRO D 10 16.45 -27.86 -13.31
C PRO D 10 15.31 -27.62 -14.29
N LYS D 11 14.07 -27.94 -13.92
CA LYS D 11 12.95 -27.68 -14.82
C LYS D 11 12.79 -26.21 -15.12
N LYS D 12 13.08 -25.35 -14.15
CA LYS D 12 12.99 -23.91 -14.36
C LYS D 12 14.00 -23.44 -15.40
N LEU D 13 15.24 -23.93 -15.31
CA LEU D 13 16.24 -23.54 -16.28
C LEU D 13 15.88 -24.06 -17.66
N ALA D 14 15.29 -25.26 -17.73
CA ALA D 14 14.89 -25.83 -19.02
C ALA D 14 13.87 -24.94 -19.70
N GLU D 15 12.89 -24.43 -18.96
CA GLU D 15 11.88 -23.56 -19.55
C GLU D 15 12.48 -22.24 -20.02
N LEU D 16 13.39 -21.67 -19.23
CA LEU D 16 14.04 -20.44 -19.66
C LEU D 16 14.88 -20.70 -20.91
N SER D 17 15.50 -21.88 -21.02
CA SER D 17 16.21 -22.22 -22.25
C SER D 17 15.26 -22.23 -23.43
N ARG D 18 14.07 -22.83 -23.25
CA ARG D 18 13.12 -22.93 -24.34
C ARG D 18 12.58 -21.56 -24.72
N VAL D 19 12.56 -20.62 -23.78
CA VAL D 19 12.11 -19.28 -24.12
C VAL D 19 13.22 -18.51 -24.84
N LEU D 20 14.48 -18.78 -24.50
CA LEU D 20 15.56 -18.16 -25.25
C LEU D 20 15.75 -18.76 -26.62
N GLU D 21 15.28 -20.00 -26.84
CA GLU D 21 15.32 -20.55 -28.19
C GLU D 21 14.14 -20.05 -29.02
N SER D 22 12.97 -19.89 -28.39
CA SER D 22 11.82 -19.34 -29.09
C SER D 22 11.85 -17.83 -29.17
N SER D 23 12.75 -17.18 -28.44
CA SER D 23 13.00 -15.75 -28.60
C SER D 23 14.12 -15.46 -29.57
N GLY D 24 14.80 -16.48 -30.07
CA GLY D 24 15.87 -16.27 -31.02
C GLY D 24 17.18 -15.79 -30.43
N VAL D 25 17.51 -16.18 -29.19
CA VAL D 25 18.78 -15.85 -28.57
C VAL D 25 19.70 -17.06 -28.68
N SER D 26 21.00 -16.81 -28.86
CA SER D 26 21.98 -17.87 -29.03
C SER D 26 23.12 -17.66 -28.04
N GLY D 27 23.91 -18.72 -27.86
CA GLY D 27 25.14 -18.64 -27.07
C GLY D 27 24.93 -18.20 -25.63
N VAL D 28 23.92 -18.75 -24.96
CA VAL D 28 23.60 -18.41 -23.58
C VAL D 28 23.44 -19.71 -22.80
N GLU D 29 24.39 -20.01 -21.93
CA GLU D 29 24.24 -21.16 -21.04
C GLU D 29 23.78 -20.70 -19.67
N LEU D 30 22.71 -21.33 -19.20
CA LEU D 30 22.15 -21.07 -17.88
C LEU D 30 22.85 -21.96 -16.87
N VAL D 31 23.17 -21.39 -15.71
CA VAL D 31 23.78 -22.09 -14.58
C VAL D 31 22.83 -21.89 -13.42
N SER D 32 22.82 -22.85 -12.49
CA SER D 32 21.92 -22.82 -11.34
C SER D 32 22.71 -22.52 -10.06
N LEU D 33 21.97 -22.45 -8.95
CA LEU D 33 22.59 -22.24 -7.65
C LEU D 33 23.51 -23.40 -7.24
N THR D 34 23.30 -24.59 -7.78
CA THR D 34 24.21 -25.71 -7.53
C THR D 34 25.49 -25.65 -8.38
N ASP D 35 25.55 -24.78 -9.39
CA ASP D 35 26.75 -24.59 -10.21
C ASP D 35 27.66 -23.49 -9.69
N VAL D 36 27.22 -22.76 -8.68
CA VAL D 36 28.06 -21.72 -8.09
C VAL D 36 28.13 -22.04 -6.60
N PRO D 37 29.18 -21.60 -5.90
CA PRO D 37 29.28 -21.86 -4.46
C PRO D 37 28.05 -21.40 -3.70
N GLU D 38 27.68 -22.17 -2.69
CA GLU D 38 26.53 -21.85 -1.86
C GLU D 38 26.74 -20.51 -1.18
N TYR D 39 25.66 -19.74 -1.09
CA TYR D 39 25.71 -18.52 -0.31
C TYR D 39 24.44 -18.39 0.49
N GLU D 40 24.50 -17.56 1.53
CA GLU D 40 23.37 -17.42 2.44
C GLU D 40 22.20 -16.74 1.73
N GLU D 41 21.04 -17.38 1.78
CA GLU D 41 19.81 -16.86 1.18
C GLU D 41 18.93 -16.24 2.27
N VAL D 42 18.71 -14.93 2.17
CA VAL D 42 17.97 -14.19 3.19
C VAL D 42 16.50 -14.60 3.15
N PRO D 43 15.86 -14.87 4.29
CA PRO D 43 14.45 -15.27 4.27
C PRO D 43 13.55 -14.14 3.78
N GLU D 44 12.40 -14.53 3.23
CA GLU D 44 11.49 -13.60 2.57
C GLU D 44 10.31 -13.23 3.46
N THR D 45 9.92 -11.95 3.43
CA THR D 45 8.79 -11.41 4.16
C THR D 45 7.97 -10.48 3.28
N GLY D 46 6.74 -10.24 3.70
CA GLY D 46 5.89 -9.24 3.07
C GLY D 46 5.06 -9.75 1.91
N ALA D 47 4.47 -8.80 1.19
CA ALA D 47 3.56 -9.09 0.10
C ALA D 47 4.18 -8.88 -1.27
N SER D 48 5.37 -8.31 -1.38
CA SER D 48 5.88 -7.91 -2.70
C SER D 48 6.69 -9.03 -3.33
N PHE D 49 6.06 -9.75 -4.26
CA PHE D 49 6.81 -10.72 -5.07
C PHE D 49 7.87 -10.04 -5.92
N GLU D 50 7.57 -8.83 -6.41
CA GLU D 50 8.54 -8.09 -7.21
C GLU D 50 9.78 -7.74 -6.40
N ASP D 51 9.61 -7.11 -5.22
CA ASP D 51 10.77 -6.73 -4.41
C ASP D 51 11.60 -7.94 -4.08
N ASN D 52 10.93 -9.05 -3.75
CA ASN D 52 11.67 -10.23 -3.31
C ASN D 52 12.37 -10.91 -4.46
N ALA D 53 11.79 -10.89 -5.67
CA ALA D 53 12.52 -11.42 -6.81
C ALA D 53 13.77 -10.58 -7.06
N LEU D 54 13.66 -9.26 -6.92
CA LEU D 54 14.82 -8.39 -7.10
C LEU D 54 15.89 -8.65 -6.05
N ILE D 55 15.48 -8.83 -4.79
CA ILE D 55 16.47 -9.13 -3.76
C ILE D 55 17.26 -10.38 -4.13
N LYS D 56 16.56 -11.42 -4.59
CA LYS D 56 17.26 -12.66 -4.92
C LYS D 56 18.19 -12.49 -6.12
N ALA D 57 17.76 -11.73 -7.14
CA ALA D 57 18.60 -11.57 -8.31
C ALA D 57 19.84 -10.73 -8.01
N ARG D 58 19.69 -9.66 -7.20
CA ARG D 58 20.86 -8.86 -6.82
C ARG D 58 21.89 -9.73 -6.12
N GLU D 59 21.42 -10.59 -5.21
CA GLU D 59 22.31 -11.48 -4.49
C GLU D 59 23.03 -12.41 -5.43
N GLY D 60 22.33 -12.95 -6.43
CA GLY D 60 22.98 -13.79 -7.41
C GLY D 60 24.10 -13.09 -8.14
N VAL D 61 23.85 -11.86 -8.60
CA VAL D 61 24.91 -11.08 -9.24
C VAL D 61 26.06 -10.84 -8.26
N LYS D 62 25.71 -10.52 -7.01
CA LYS D 62 26.72 -10.17 -6.01
C LYS D 62 27.75 -11.27 -5.82
N HIS D 63 27.32 -12.54 -5.87
CA HIS D 63 28.20 -13.66 -5.60
C HIS D 63 28.86 -14.25 -6.83
N THR D 64 28.40 -13.92 -8.03
CA THR D 64 28.93 -14.54 -9.24
C THR D 64 29.42 -13.58 -10.32
N GLY D 65 28.98 -12.32 -10.30
CA GLY D 65 29.24 -11.41 -11.39
C GLY D 65 28.47 -11.69 -12.67
N LEU D 66 27.62 -12.71 -12.68
CA LEU D 66 26.77 -13.04 -13.81
C LEU D 66 25.44 -12.31 -13.69
N ALA D 67 24.86 -12.00 -14.85
CA ALA D 67 23.46 -11.62 -14.88
C ALA D 67 22.64 -12.72 -14.20
N CYS D 68 21.64 -12.31 -13.44
CA CYS D 68 20.92 -13.26 -12.62
C CYS D 68 19.43 -13.04 -12.81
N VAL D 69 18.71 -14.11 -13.11
CA VAL D 69 17.26 -14.12 -13.16
C VAL D 69 16.75 -14.87 -11.92
N ALA D 70 15.80 -14.28 -11.22
CA ALA D 70 15.20 -14.92 -10.04
C ALA D 70 13.70 -14.81 -10.15
N ASP D 71 12.99 -15.75 -9.53
CA ASP D 71 11.54 -15.70 -9.57
C ASP D 71 10.95 -15.77 -8.17
N ASP D 72 9.67 -15.45 -8.08
CA ASP D 72 8.97 -15.38 -6.80
C ASP D 72 7.48 -15.41 -7.07
N SER D 73 6.79 -16.42 -6.53
CA SER D 73 5.39 -16.66 -6.85
C SER D 73 4.61 -16.94 -5.58
N GLY D 74 3.29 -16.78 -5.66
CA GLY D 74 2.46 -17.10 -4.52
C GLY D 74 1.05 -16.56 -4.69
N LEU D 75 0.35 -16.43 -3.56
CA LEU D 75 -1.06 -16.04 -3.54
C LEU D 75 -1.23 -14.72 -2.80
N ALA D 76 -2.01 -13.81 -3.38
CA ALA D 76 -2.30 -12.52 -2.77
C ALA D 76 -3.80 -12.43 -2.54
N VAL D 77 -4.20 -12.25 -1.29
CA VAL D 77 -5.61 -12.22 -0.90
C VAL D 77 -5.94 -10.82 -0.41
N ASP D 78 -6.91 -10.16 -1.04
CA ASP D 78 -7.29 -8.80 -0.67
C ASP D 78 -7.57 -8.68 0.83
N ALA D 79 -8.38 -9.60 1.36
CA ALA D 79 -8.79 -9.53 2.76
C ALA D 79 -7.63 -9.69 3.74
N LEU D 80 -6.49 -10.22 3.27
CA LEU D 80 -5.29 -10.36 4.10
C LEU D 80 -4.23 -9.33 3.73
N ASN D 81 -4.66 -8.19 3.19
CA ASN D 81 -3.76 -7.12 2.74
C ASN D 81 -2.69 -7.67 1.81
N TRP D 82 -3.11 -8.59 0.94
CA TRP D 82 -2.33 -9.20 -0.13
C TRP D 82 -1.29 -10.19 0.36
N MET D 83 -1.36 -10.58 1.64
CA MET D 83 -0.76 -11.84 2.07
C MET D 83 -1.67 -12.99 1.59
N PRO D 84 -1.23 -14.26 1.66
CA PRO D 84 0.03 -14.84 2.16
C PRO D 84 1.29 -14.27 1.53
N GLY D 85 1.22 -13.72 0.32
CA GLY D 85 2.38 -13.05 -0.24
C GLY D 85 3.54 -14.02 -0.37
N VAL D 86 4.75 -13.56 -0.03
CA VAL D 86 5.93 -14.41 -0.18
C VAL D 86 6.03 -15.46 0.93
N LEU D 87 5.09 -15.46 1.87
CA LEU D 87 4.94 -16.56 2.83
C LEU D 87 3.91 -17.61 2.36
N SER D 88 3.49 -17.56 1.09
CA SER D 88 2.45 -18.48 0.60
C SER D 88 2.78 -19.94 0.88
N ALA D 89 4.00 -20.35 0.58
CA ALA D 89 4.40 -21.76 0.71
C ALA D 89 4.57 -22.20 2.16
N ARG D 90 4.60 -21.26 3.11
CA ARG D 90 4.73 -21.62 4.51
C ARG D 90 3.70 -20.87 5.35
N TRP D 91 2.50 -20.69 4.80
CA TRP D 91 1.51 -19.82 5.43
C TRP D 91 1.08 -20.34 6.80
N SER D 92 0.96 -21.67 6.95
CA SER D 92 0.63 -22.29 8.23
C SER D 92 1.81 -22.34 9.18
N GLY D 93 2.96 -21.84 8.76
CA GLY D 93 4.17 -21.80 9.55
C GLY D 93 5.23 -22.79 9.16
N ARG D 94 4.91 -23.77 8.33
CA ARG D 94 5.80 -24.86 7.98
C ARG D 94 5.79 -25.06 6.47
N HIS D 95 6.94 -24.93 5.84
CA HIS D 95 7.06 -25.15 4.41
C HIS D 95 6.64 -26.57 4.07
N GLY D 96 5.87 -26.71 2.99
CA GLY D 96 5.56 -27.99 2.39
C GLY D 96 4.33 -28.73 2.90
N ASP D 97 3.56 -28.18 3.82
CA ASP D 97 2.27 -28.79 4.15
C ASP D 97 1.20 -27.97 3.45
N ASP D 98 1.00 -28.25 2.15
CA ASP D 98 0.03 -27.48 1.37
C ASP D 98 -1.36 -27.58 1.97
N ALA D 99 -1.73 -28.77 2.43
CA ALA D 99 -3.07 -28.97 2.97
C ALA D 99 -3.31 -28.08 4.19
N ALA D 100 -2.29 -27.93 5.05
CA ALA D 100 -2.43 -27.06 6.22
C ALA D 100 -2.48 -25.59 5.83
N ASN D 101 -1.69 -25.18 4.83
CA ASN D 101 -1.75 -23.79 4.36
C ASN D 101 -3.16 -23.45 3.87
N THR D 102 -3.73 -24.35 3.06
CA THR D 102 -5.05 -24.14 2.50
C THR D 102 -6.14 -24.13 3.57
N ALA D 103 -6.07 -25.07 4.53
CA ALA D 103 -7.04 -25.08 5.61
C ALA D 103 -6.96 -23.81 6.46
N LEU D 104 -5.74 -23.33 6.74
CA LEU D 104 -5.62 -22.08 7.49
C LEU D 104 -6.25 -20.92 6.73
N LEU D 105 -5.96 -20.80 5.44
CA LEU D 105 -6.51 -19.69 4.67
C LEU D 105 -8.03 -19.70 4.70
N LEU D 106 -8.64 -20.86 4.43
CA LEU D 106 -10.10 -20.97 4.50
C LEU D 106 -10.63 -20.57 5.87
N ALA D 107 -10.00 -21.08 6.93
CA ALA D 107 -10.48 -20.79 8.28
C ALA D 107 -10.34 -19.30 8.58
N GLN D 108 -9.23 -18.69 8.15
CA GLN D 108 -9.06 -17.26 8.37
C GLN D 108 -10.16 -16.45 7.71
N LEU D 109 -10.61 -16.90 6.54
CA LEU D 109 -11.59 -16.18 5.73
C LEU D 109 -13.03 -16.70 5.92
N SER D 110 -13.28 -17.55 6.92
CA SER D 110 -14.51 -18.33 6.90
C SER D 110 -15.77 -17.49 6.95
N ASP D 111 -15.70 -16.25 7.40
CA ASP D 111 -16.91 -15.45 7.49
C ASP D 111 -16.96 -14.31 6.47
N ILE D 112 -16.06 -14.30 5.50
CA ILE D 112 -15.93 -13.19 4.56
C ILE D 112 -16.87 -13.42 3.39
N PRO D 113 -17.77 -12.49 3.08
CA PRO D 113 -18.71 -12.69 1.97
C PRO D 113 -18.00 -12.71 0.62
N ASP D 114 -18.66 -13.37 -0.35
CA ASP D 114 -18.03 -13.63 -1.66
C ASP D 114 -17.43 -12.39 -2.26
N GLU D 115 -18.14 -11.26 -2.19
CA GLU D 115 -17.70 -10.03 -2.84
C GLU D 115 -16.36 -9.55 -2.34
N ARG D 116 -15.96 -9.95 -1.14
CA ARG D 116 -14.71 -9.50 -0.53
C ARG D 116 -13.68 -10.61 -0.47
N ARG D 117 -13.91 -11.71 -1.17
CA ARG D 117 -12.98 -12.82 -1.18
C ARG D 117 -11.97 -12.74 -2.32
N GLY D 118 -11.74 -11.55 -2.89
CA GLY D 118 -10.86 -11.43 -4.04
C GLY D 118 -9.43 -11.83 -3.74
N ALA D 119 -8.76 -12.36 -4.77
CA ALA D 119 -7.39 -12.85 -4.66
C ALA D 119 -6.77 -12.95 -6.05
N ALA D 120 -5.47 -13.21 -6.09
CA ALA D 120 -4.75 -13.45 -7.35
C ALA D 120 -3.58 -14.40 -7.13
N PHE D 121 -3.34 -15.29 -8.08
CA PHE D 121 -2.04 -15.94 -8.18
C PHE D 121 -1.08 -14.96 -8.86
N VAL D 122 0.09 -14.77 -8.27
CA VAL D 122 1.06 -13.81 -8.74
C VAL D 122 2.37 -14.52 -9.00
N SER D 123 3.03 -14.14 -10.09
CA SER D 123 4.33 -14.71 -10.41
C SER D 123 5.23 -13.55 -10.87
N ALA D 124 6.34 -13.35 -10.18
CA ALA D 124 7.28 -12.28 -10.50
C ALA D 124 8.63 -12.85 -10.91
N CYS D 125 9.28 -12.16 -11.85
CA CYS D 125 10.59 -12.51 -12.39
C CYS D 125 11.43 -11.26 -12.42
N ALA D 126 12.66 -11.35 -11.89
CA ALA D 126 13.56 -10.21 -11.91
C ALA D 126 14.85 -10.56 -12.64
N LEU D 127 15.41 -9.54 -13.30
CA LEU D 127 16.73 -9.64 -13.91
C LEU D 127 17.58 -8.50 -13.38
N VAL D 128 18.77 -8.84 -12.92
CA VAL D 128 19.79 -7.84 -12.55
C VAL D 128 21.04 -8.19 -13.34
N THR D 129 21.58 -7.22 -14.02
CA THR D 129 22.73 -7.43 -14.87
C THR D 129 24.02 -7.18 -14.10
N PRO D 130 25.15 -7.65 -14.61
CA PRO D 130 26.42 -7.36 -13.93
C PRO D 130 26.69 -5.87 -13.75
N GLU D 131 26.21 -5.04 -14.68
CA GLU D 131 26.41 -3.60 -14.58
C GLU D 131 25.46 -2.92 -13.60
N GLY D 132 24.52 -3.65 -13.02
CA GLY D 132 23.59 -3.12 -12.04
C GLY D 132 22.24 -2.69 -12.57
N GLU D 133 21.91 -2.98 -13.82
CA GLU D 133 20.55 -2.74 -14.30
C GLU D 133 19.55 -3.68 -13.62
N GLU D 134 18.37 -3.16 -13.29
CA GLU D 134 17.35 -3.96 -12.60
C GLU D 134 16.03 -3.84 -13.35
N VAL D 135 15.45 -4.97 -13.73
CA VAL D 135 14.12 -5.02 -14.32
C VAL D 135 13.33 -6.12 -13.60
N VAL D 136 12.09 -5.82 -13.26
CA VAL D 136 11.23 -6.81 -12.66
C VAL D 136 9.90 -6.82 -13.38
N VAL D 137 9.35 -8.01 -13.57
CA VAL D 137 8.04 -8.19 -14.21
CA VAL D 137 8.04 -8.18 -14.19
C VAL D 137 7.19 -9.07 -13.30
N GLU D 138 5.88 -8.83 -13.31
CA GLU D 138 4.99 -9.75 -12.60
C GLU D 138 3.74 -9.98 -13.45
N GLY D 139 3.14 -11.15 -13.23
CA GLY D 139 1.83 -11.45 -13.77
C GLY D 139 0.89 -11.79 -12.64
N ARG D 140 -0.37 -11.37 -12.78
CA ARG D 140 -1.44 -11.63 -11.80
C ARG D 140 -2.62 -12.26 -12.50
N TRP D 141 -3.05 -13.42 -12.01
CA TRP D 141 -4.25 -14.11 -12.50
C TRP D 141 -5.36 -13.84 -11.50
N LYS D 142 -6.34 -13.02 -11.88
CA LYS D 142 -7.31 -12.55 -10.91
C LYS D 142 -8.37 -13.62 -10.63
N GLY D 143 -8.79 -13.69 -9.37
CA GLY D 143 -9.85 -14.60 -8.97
C GLY D 143 -10.35 -14.30 -7.57
N SER D 144 -10.72 -15.36 -6.85
CA SER D 144 -11.20 -15.23 -5.49
C SER D 144 -11.00 -16.56 -4.77
N ILE D 145 -11.19 -16.55 -3.46
CA ILE D 145 -10.99 -17.75 -2.66
C ILE D 145 -12.34 -18.47 -2.50
N ALA D 146 -12.35 -19.76 -2.81
CA ALA D 146 -13.54 -20.58 -2.58
C ALA D 146 -13.83 -20.72 -1.10
N ARG D 147 -15.04 -21.20 -0.81
CA ARG D 147 -15.43 -21.49 0.56
C ARG D 147 -15.13 -22.92 0.94
N ILE D 148 -15.12 -23.84 -0.02
CA ILE D 148 -14.70 -25.23 0.21
C ILE D 148 -13.85 -25.69 -0.96
N PRO D 149 -12.85 -26.52 -0.69
CA PRO D 149 -11.96 -26.99 -1.76
C PRO D 149 -12.70 -27.89 -2.74
N ALA D 150 -12.29 -27.83 -4.01
CA ALA D 150 -12.82 -28.71 -5.04
C ALA D 150 -11.75 -28.94 -6.09
N GLY D 151 -11.84 -30.08 -6.75
CA GLY D 151 -10.92 -30.43 -7.83
C GLY D 151 -9.74 -31.25 -7.34
N GLN D 152 -9.18 -32.05 -8.27
CA GLN D 152 -8.11 -32.95 -7.94
C GLN D 152 -6.89 -32.81 -8.85
N ASN D 153 -6.95 -31.95 -9.86
CA ASN D 153 -5.82 -31.73 -10.76
C ASN D 153 -5.11 -30.42 -10.41
N GLY D 154 -4.59 -30.36 -9.20
CA GLY D 154 -3.89 -29.17 -8.79
C GLY D 154 -3.15 -29.37 -7.49
N PHE D 155 -2.17 -28.50 -7.29
CA PHE D 155 -1.35 -28.47 -6.09
C PHE D 155 -1.60 -27.15 -5.36
N GLY D 156 -1.05 -27.07 -4.16
CA GLY D 156 -1.03 -25.81 -3.43
C GLY D 156 -2.42 -25.28 -3.19
N TYR D 157 -2.63 -24.01 -3.52
CA TYR D 157 -3.93 -23.36 -3.31
C TYR D 157 -4.91 -23.59 -4.45
N ASP D 158 -4.54 -24.34 -5.48
CA ASP D 158 -5.45 -24.57 -6.60
C ASP D 158 -6.85 -25.03 -6.19
N PRO D 159 -7.03 -25.94 -5.21
CA PRO D 159 -8.40 -26.37 -4.86
C PRO D 159 -9.26 -25.26 -4.25
N ILE D 160 -8.70 -24.13 -3.82
CA ILE D 160 -9.53 -23.07 -3.23
C ILE D 160 -9.40 -21.76 -4.00
N PHE D 161 -8.73 -21.75 -5.15
CA PHE D 161 -8.62 -20.54 -5.95
C PHE D 161 -9.62 -20.60 -7.08
N VAL D 162 -10.56 -19.65 -7.11
CA VAL D 162 -11.58 -19.58 -8.15
C VAL D 162 -11.15 -18.49 -9.13
N PRO D 163 -10.70 -18.83 -10.33
CA PRO D 163 -10.37 -17.82 -11.34
C PRO D 163 -11.60 -16.99 -11.73
N ARG D 164 -11.39 -15.68 -11.85
CA ARG D 164 -12.45 -14.82 -12.32
C ARG D 164 -12.92 -15.29 -13.70
N GLY D 165 -14.24 -15.25 -13.93
CA GLY D 165 -14.84 -15.74 -15.15
C GLY D 165 -15.53 -17.07 -15.03
N GLY D 166 -15.54 -17.68 -13.85
CA GLY D 166 -16.26 -18.92 -13.63
C GLY D 166 -16.41 -19.15 -12.15
N LEU D 167 -17.05 -20.28 -11.81
CA LEU D 167 -17.23 -20.71 -10.43
C LEU D 167 -16.29 -21.84 -10.05
N ARG D 168 -15.66 -22.49 -11.02
CA ARG D 168 -14.79 -23.61 -10.75
C ARG D 168 -13.45 -23.15 -10.19
N THR D 169 -12.84 -24.02 -9.38
CA THR D 169 -11.52 -23.77 -8.84
C THR D 169 -10.44 -24.15 -9.84
N ALA D 170 -9.22 -23.66 -9.60
CA ALA D 170 -8.12 -23.99 -10.48
C ALA D 170 -7.92 -25.49 -10.56
N ALA D 171 -8.11 -26.20 -9.44
CA ALA D 171 -8.00 -27.65 -9.43
C ALA D 171 -9.14 -28.34 -10.17
N GLU D 172 -10.24 -27.64 -10.44
CA GLU D 172 -11.33 -28.26 -11.21
C GLU D 172 -11.16 -28.11 -12.71
N LEU D 173 -10.21 -27.33 -13.18
CA LEU D 173 -10.07 -27.15 -14.61
C LEU D 173 -9.48 -28.41 -15.23
N THR D 174 -10.04 -28.81 -16.38
CA THR D 174 -9.57 -29.99 -17.10
C THR D 174 -8.29 -29.69 -17.87
N PRO D 175 -7.45 -30.71 -18.11
CA PRO D 175 -6.26 -30.49 -18.92
C PRO D 175 -6.55 -29.94 -20.31
N GLU D 176 -7.69 -30.30 -20.91
CA GLU D 176 -8.05 -29.72 -22.20
C GLU D 176 -8.32 -28.22 -22.11
N GLU D 177 -8.63 -27.70 -20.92
CA GLU D 177 -8.77 -26.26 -20.74
C GLU D 177 -7.42 -25.56 -20.82
N LYS D 178 -6.39 -26.15 -20.20
CA LYS D 178 -5.02 -25.70 -20.39
C LYS D 178 -4.48 -26.32 -21.68
N HIS D 183 -10.58 -24.17 -26.77
CA HIS D 183 -11.25 -22.91 -27.03
C HIS D 183 -10.71 -21.83 -26.11
N ARG D 184 -10.58 -22.17 -24.82
CA ARG D 184 -9.94 -21.26 -23.87
C ARG D 184 -8.44 -21.19 -24.10
N GLY D 185 -7.83 -22.30 -24.52
CA GLY D 185 -6.41 -22.30 -24.84
C GLY D 185 -6.06 -21.40 -26.02
N ARG D 186 -6.86 -21.48 -27.09
CA ARG D 186 -6.57 -20.67 -28.28
C ARG D 186 -6.73 -19.18 -27.99
N ALA D 187 -7.67 -18.81 -27.12
CA ALA D 187 -7.80 -17.40 -26.75
C ALA D 187 -6.61 -16.95 -25.90
N LEU D 188 -6.19 -17.79 -24.95
CA LEU D 188 -5.02 -17.48 -24.14
C LEU D 188 -3.74 -17.54 -24.98
N ALA D 189 -3.64 -18.52 -25.89
CA ALA D 189 -2.42 -18.68 -26.68
C ALA D 189 -2.15 -17.45 -27.53
N ALA D 190 -3.21 -16.78 -27.98
CA ALA D 190 -3.00 -15.56 -28.76
C ALA D 190 -2.86 -14.32 -27.90
N LEU D 191 -3.49 -14.31 -26.72
CA LEU D 191 -3.47 -13.09 -25.92
C LEU D 191 -2.23 -12.99 -25.05
N LEU D 192 -1.76 -14.10 -24.50
CA LEU D 192 -0.59 -14.09 -23.62
C LEU D 192 0.62 -13.42 -24.27
N PRO D 193 1.02 -13.77 -25.50
CA PRO D 193 2.13 -13.05 -26.14
C PRO D 193 1.89 -11.55 -26.24
N MET D 194 0.64 -11.13 -26.42
CA MET D 194 0.33 -9.71 -26.55
C MET D 194 0.54 -8.95 -25.24
N LEU D 195 0.29 -9.59 -24.09
CA LEU D 195 0.68 -8.98 -22.82
C LEU D 195 2.20 -8.87 -22.69
N ARG D 196 2.94 -9.85 -23.24
CA ARG D 196 4.39 -9.82 -23.14
C ARG D 196 4.98 -8.66 -23.93
N ASN D 197 4.57 -8.50 -25.19
CA ASN D 197 5.17 -7.45 -26.03
C ASN D 197 4.84 -6.06 -25.51
N LEU D 198 3.62 -5.85 -25.04
CA LEU D 198 3.22 -4.49 -24.71
C LEU D 198 3.86 -3.98 -23.42
N VAL D 199 4.43 -4.87 -22.59
CA VAL D 199 5.36 -4.44 -21.55
C VAL D 199 6.59 -3.86 -22.25
N ASN D 200 6.63 -2.55 -22.42
CA ASN D 200 7.63 -1.88 -23.24
C ASN D 200 8.36 -0.83 -22.39
N LEU D 201 9.37 -1.29 -21.64
CA LEU D 201 10.00 -0.46 -20.62
C LEU D 201 10.94 0.57 -21.22
N GLY D 202 11.87 0.14 -22.08
CA GLY D 202 12.82 1.06 -22.71
C GLY D 202 12.17 2.20 -23.45
N ARG D 203 10.86 2.16 -23.66
CA ARG D 203 10.12 3.20 -24.38
C ARG D 203 10.71 3.44 -25.76
#